data_8RXB
#
_entry.id   8RXB
#
_cell.length_a   87.165
_cell.length_b   90.677
_cell.length_c   92.291
_cell.angle_alpha   90.000
_cell.angle_beta   113.361
_cell.angle_gamma   90.000
#
_symmetry.space_group_name_H-M   'P 1 21 1'
#
loop_
_entity.id
_entity.type
_entity.pdbx_description
1 polymer 'Regulator of nonsense transcripts 1'
2 polymer 'Telomerase-binding protein EST1A'
3 non-polymer 'ZINC ION'
#
loop_
_entity_poly.entity_id
_entity_poly.type
_entity_poly.pdbx_seq_one_letter_code
_entity_poly.pdbx_strand_id
1 'polypeptide(L)'
;TKDLPIHACSYCGIHDPACVVYCNTSKKWFCNGRGNTSGSHIVNHLVRAKCKEVTLHKDGPLGETVLECYNCGCRNVFLL
GFIPAKADSVVVLLCRQPCASQSSLKDINWDSSQWQPLIQDRCFLSWLVKIPSEQEQLRARQITAQQINKLEELWKENPS
ATLEDLEKPGVDE
;
E,A,D,I,L,P
2 'polypeptide(L)' RGRGILILPAHTTLS F,B,G,J,N,Q
#
loop_
_chem_comp.id
_chem_comp.type
_chem_comp.name
_chem_comp.formula
ZN non-polymer 'ZINC ION' 'Zn 2'
#
# COMPACT_ATOMS: atom_id res chain seq x y z
N LYS A 2 -25.69 30.87 4.48
CA LYS A 2 -24.28 30.88 4.11
C LYS A 2 -24.05 29.98 2.90
N ASP A 3 -22.95 30.22 2.17
CA ASP A 3 -22.57 29.43 1.01
C ASP A 3 -21.52 28.39 1.43
N LEU A 4 -21.99 27.19 1.74
CA LEU A 4 -21.11 26.16 2.29
C LEU A 4 -20.29 25.54 1.14
N PRO A 5 -19.06 25.09 1.44
CA PRO A 5 -18.26 24.43 0.37
C PRO A 5 -18.97 23.24 -0.25
N ILE A 6 -18.45 22.81 -1.41
CA ILE A 6 -19.10 21.76 -2.17
C ILE A 6 -19.06 20.41 -1.47
N HIS A 7 -18.19 20.24 -0.48
CA HIS A 7 -18.01 18.96 0.18
C HIS A 7 -18.63 18.90 1.57
N ALA A 8 -19.67 19.68 1.82
CA ALA A 8 -20.30 19.72 3.13
C ALA A 8 -21.36 18.64 3.27
N CYS A 9 -21.48 18.09 4.47
CA CYS A 9 -22.46 17.06 4.74
C CYS A 9 -23.87 17.55 4.41
N SER A 10 -24.54 16.84 3.50
CA SER A 10 -25.87 17.24 3.07
C SER A 10 -26.89 17.24 4.19
N TYR A 11 -26.58 16.60 5.33
CA TYR A 11 -27.49 16.62 6.46
C TYR A 11 -27.26 17.81 7.38
N CYS A 12 -26.00 18.05 7.79
CA CYS A 12 -25.72 18.94 8.91
C CYS A 12 -24.69 20.03 8.65
N GLY A 13 -23.99 20.01 7.53
CA GLY A 13 -23.13 21.11 7.16
C GLY A 13 -21.65 20.95 7.49
N ILE A 14 -21.27 19.95 8.30
CA ILE A 14 -19.85 19.73 8.54
C ILE A 14 -19.12 19.60 7.21
N HIS A 15 -17.97 20.27 7.10
CA HIS A 15 -17.21 20.26 5.85
C HIS A 15 -15.70 20.13 6.09
N ASP A 16 -15.28 19.71 7.28
CA ASP A 16 -13.88 19.39 7.51
C ASP A 16 -13.51 18.24 6.56
N PRO A 17 -12.59 18.43 5.61
CA PRO A 17 -12.37 17.40 4.59
C PRO A 17 -11.96 16.05 5.15
N ALA A 18 -11.37 15.98 6.33
CA ALA A 18 -11.05 14.71 6.96
C ALA A 18 -12.27 14.05 7.60
N CYS A 19 -13.45 14.66 7.47
CA CYS A 19 -14.64 14.19 8.16
C CYS A 19 -15.77 13.81 7.22
N VAL A 20 -15.66 14.10 5.94
CA VAL A 20 -16.75 13.89 4.98
C VAL A 20 -16.38 12.75 4.04
N VAL A 21 -17.42 12.15 3.45
CA VAL A 21 -17.26 11.01 2.57
C VAL A 21 -18.17 11.21 1.37
N TYR A 22 -17.66 10.92 0.18
CA TYR A 22 -18.44 11.05 -1.04
C TYR A 22 -19.22 9.77 -1.29
N CYS A 23 -20.53 9.87 -1.45
CA CYS A 23 -21.37 8.76 -1.88
C CYS A 23 -21.32 8.73 -3.41
N ASN A 24 -20.70 7.71 -3.97
CA ASN A 24 -20.47 7.70 -5.41
C ASN A 24 -21.77 7.59 -6.20
N THR A 25 -22.81 7.01 -5.61
CA THR A 25 -24.03 6.72 -6.37
C THR A 25 -24.95 7.93 -6.39
N SER A 26 -25.32 8.45 -5.20
CA SER A 26 -26.20 9.61 -5.14
C SER A 26 -25.44 10.90 -5.43
N LYS A 27 -24.11 10.88 -5.36
CA LYS A 27 -23.30 12.02 -5.79
C LYS A 27 -23.41 13.20 -4.83
N LYS A 28 -23.48 12.89 -3.54
CA LYS A 28 -23.53 13.88 -2.48
C LYS A 28 -22.52 13.54 -1.39
N TRP A 29 -22.26 14.51 -0.51
CA TRP A 29 -21.31 14.33 0.58
C TRP A 29 -22.04 14.16 1.91
N PHE A 30 -21.41 13.41 2.82
CA PHE A 30 -21.95 13.12 4.13
C PHE A 30 -20.80 12.98 5.11
N CYS A 31 -21.03 13.37 6.35
CA CYS A 31 -19.99 13.30 7.38
C CYS A 31 -20.11 12.02 8.19
N ASN A 32 -19.09 11.76 9.00
CA ASN A 32 -19.02 10.55 9.82
C ASN A 32 -19.27 10.83 11.29
N GLY A 33 -20.08 11.85 11.59
CA GLY A 33 -20.53 12.11 12.95
C GLY A 33 -21.92 11.56 13.15
N ARG A 34 -22.24 11.22 14.41
CA ARG A 34 -23.52 10.59 14.67
C ARG A 34 -24.65 11.57 14.97
N GLY A 35 -24.34 12.74 15.52
CA GLY A 35 -25.38 13.63 15.98
C GLY A 35 -26.28 12.93 17.00
N ASN A 36 -27.58 13.02 16.77
CA ASN A 36 -28.59 12.46 17.67
C ASN A 36 -29.13 11.13 17.18
N THR A 37 -28.51 10.54 16.17
CA THR A 37 -28.80 9.19 15.73
C THR A 37 -27.75 8.28 16.38
N SER A 38 -27.87 6.99 16.14
CA SER A 38 -26.96 6.04 16.73
C SER A 38 -25.81 5.71 15.80
N GLY A 39 -25.85 6.24 14.58
CA GLY A 39 -24.78 6.02 13.63
C GLY A 39 -24.39 7.31 12.91
N SER A 40 -23.31 7.21 12.15
CA SER A 40 -22.84 8.41 11.48
C SER A 40 -23.79 8.77 10.35
N HIS A 41 -23.76 10.04 9.98
CA HIS A 41 -24.61 10.51 8.90
C HIS A 41 -24.34 9.74 7.62
N ILE A 42 -23.06 9.49 7.32
CA ILE A 42 -22.73 8.78 6.09
C ILE A 42 -23.29 7.36 6.11
N VAL A 43 -23.09 6.66 7.22
CA VAL A 43 -23.57 5.28 7.29
C VAL A 43 -25.09 5.24 7.20
N ASN A 44 -25.77 6.05 8.02
CA ASN A 44 -27.22 6.09 7.97
C ASN A 44 -27.72 6.33 6.55
N HIS A 45 -27.09 7.26 5.84
CA HIS A 45 -27.46 7.50 4.46
C HIS A 45 -27.31 6.24 3.62
N LEU A 46 -26.18 5.54 3.79
CA LEU A 46 -25.90 4.37 2.96
C LEU A 46 -26.95 3.29 3.16
N VAL A 47 -27.36 3.05 4.41
CA VAL A 47 -28.35 2.02 4.66
C VAL A 47 -29.69 2.37 4.02
N ARG A 48 -30.13 3.61 4.20
CA ARG A 48 -31.48 3.97 3.77
C ARG A 48 -31.57 4.10 2.26
N ALA A 49 -30.61 4.80 1.65
CA ALA A 49 -30.60 4.95 0.21
C ALA A 49 -30.04 3.74 -0.51
N LYS A 50 -29.54 2.74 0.23
CA LYS A 50 -29.12 1.46 -0.35
C LYS A 50 -27.96 1.66 -1.32
N CYS A 51 -26.95 2.39 -0.86
CA CYS A 51 -25.71 2.65 -1.58
C CYS A 51 -24.56 1.99 -0.84
N LYS A 52 -23.37 1.99 -1.46
CA LYS A 52 -22.29 1.15 -0.96
C LYS A 52 -20.89 1.61 -1.29
N GLU A 53 -20.72 2.46 -2.29
CA GLU A 53 -19.41 2.85 -2.76
C GLU A 53 -19.17 4.32 -2.46
N VAL A 54 -18.04 4.62 -1.81
CA VAL A 54 -17.73 5.98 -1.37
C VAL A 54 -16.33 6.34 -1.83
N THR A 55 -16.02 7.63 -1.71
CA THR A 55 -14.73 8.18 -2.06
C THR A 55 -14.38 9.21 -1.00
N LEU A 56 -13.15 9.17 -0.52
CA LEU A 56 -12.71 10.13 0.48
C LEU A 56 -12.24 11.42 -0.18
N HIS A 57 -12.12 12.47 0.64
CA HIS A 57 -11.82 13.81 0.15
C HIS A 57 -10.32 13.99 0.02
N LYS A 58 -9.93 14.77 -1.00
CA LYS A 58 -8.51 14.86 -1.33
C LYS A 58 -7.69 15.40 -0.16
N ASP A 59 -8.24 16.34 0.60
CA ASP A 59 -7.51 17.00 1.68
C ASP A 59 -7.63 16.27 3.01
N GLY A 60 -8.21 15.07 3.02
CA GLY A 60 -8.16 14.24 4.19
C GLY A 60 -6.78 13.64 4.33
N PRO A 61 -6.50 13.03 5.48
CA PRO A 61 -5.17 12.43 5.66
C PRO A 61 -4.77 11.45 4.56
N LEU A 62 -5.74 10.79 3.92
CA LEU A 62 -5.46 9.74 2.96
C LEU A 62 -5.72 10.15 1.52
N GLY A 63 -6.09 11.41 1.27
CA GLY A 63 -6.29 11.90 -0.09
C GLY A 63 -7.50 11.30 -0.79
N GLU A 64 -7.67 11.70 -2.06
CA GLU A 64 -8.79 11.21 -2.85
C GLU A 64 -8.55 9.73 -3.13
N THR A 65 -9.49 8.89 -2.69
CA THR A 65 -9.25 7.45 -2.61
C THR A 65 -10.59 6.74 -2.61
N VAL A 66 -10.82 5.91 -3.63
CA VAL A 66 -11.95 5.00 -3.60
C VAL A 66 -11.56 3.79 -2.77
N LEU A 67 -12.33 3.51 -1.72
CA LEU A 67 -12.08 2.30 -0.96
C LEU A 67 -12.48 1.09 -1.81
N GLU A 68 -11.57 0.13 -1.94
CA GLU A 68 -11.87 -1.07 -2.70
C GLU A 68 -10.91 -2.18 -2.31
N CYS A 69 -11.33 -3.41 -2.60
CA CYS A 69 -10.52 -4.57 -2.28
C CYS A 69 -9.24 -4.58 -3.11
N TYR A 70 -8.11 -4.80 -2.44
CA TYR A 70 -6.85 -4.99 -3.13
C TYR A 70 -6.92 -6.13 -4.13
N ASN A 71 -7.65 -7.19 -3.79
CA ASN A 71 -7.57 -8.42 -4.56
C ASN A 71 -8.50 -8.38 -5.78
N CYS A 72 -9.78 -8.05 -5.57
CA CYS A 72 -10.78 -8.16 -6.63
C CYS A 72 -11.38 -6.82 -7.07
N GLY A 73 -11.11 -5.73 -6.37
CA GLY A 73 -11.64 -4.44 -6.74
C GLY A 73 -13.06 -4.19 -6.28
N CYS A 74 -13.64 -5.08 -5.48
CA CYS A 74 -14.96 -4.84 -4.88
C CYS A 74 -14.97 -3.53 -4.12
N ARG A 75 -16.06 -2.78 -4.25
CA ARG A 75 -16.20 -1.45 -3.66
C ARG A 75 -17.30 -1.36 -2.62
N ASN A 76 -17.78 -2.49 -2.11
CA ASN A 76 -18.86 -2.50 -1.12
C ASN A 76 -18.29 -2.31 0.28
N VAL A 77 -18.54 -1.12 0.87
CA VAL A 77 -17.97 -0.80 2.16
C VAL A 77 -18.48 -1.73 3.25
N PHE A 78 -19.64 -2.36 3.05
CA PHE A 78 -20.17 -3.29 4.03
C PHE A 78 -19.54 -4.66 3.98
N LEU A 79 -18.75 -4.94 2.93
CA LEU A 79 -17.99 -6.17 2.81
C LEU A 79 -16.49 -5.99 3.01
N LEU A 80 -15.99 -4.77 2.89
CA LEU A 80 -14.57 -4.53 2.96
C LEU A 80 -14.14 -4.44 4.42
N GLY A 81 -12.87 -4.76 4.65
CA GLY A 81 -12.27 -4.62 5.96
C GLY A 81 -10.80 -4.43 5.68
N PHE A 82 -9.95 -4.58 6.70
CA PHE A 82 -8.55 -4.28 6.52
C PHE A 82 -7.69 -5.23 7.32
N ILE A 83 -6.44 -5.36 6.90
CA ILE A 83 -5.43 -6.11 7.63
C ILE A 83 -4.14 -5.31 7.72
N PRO A 84 -3.52 -5.21 8.88
CA PRO A 84 -2.24 -4.51 8.98
C PRO A 84 -1.20 -5.21 8.14
N ALA A 85 -0.15 -4.46 7.77
CA ALA A 85 0.94 -5.03 7.01
C ALA A 85 2.26 -4.84 7.76
N ASP A 88 4.07 -1.46 9.11
CA ASP A 88 4.07 -0.78 10.40
C ASP A 88 2.87 0.16 10.50
N SER A 89 2.75 1.07 9.52
CA SER A 89 1.57 1.93 9.43
C SER A 89 0.92 1.79 8.06
N VAL A 90 1.05 0.61 7.44
CA VAL A 90 0.40 0.31 6.18
C VAL A 90 -0.74 -0.66 6.43
N VAL A 91 -1.81 -0.48 5.66
CA VAL A 91 -3.03 -1.26 5.79
C VAL A 91 -3.48 -1.74 4.42
N VAL A 92 -3.96 -2.98 4.35
CA VAL A 92 -4.50 -3.54 3.12
C VAL A 92 -5.98 -3.86 3.32
N LEU A 93 -6.82 -3.42 2.39
CA LEU A 93 -8.25 -3.65 2.40
C LEU A 93 -8.60 -4.91 1.64
N LEU A 94 -9.54 -5.68 2.17
CA LEU A 94 -9.93 -6.95 1.58
C LEU A 94 -11.40 -7.26 1.86
N CYS A 95 -12.09 -7.82 0.87
CA CYS A 95 -13.37 -8.44 1.15
C CYS A 95 -13.19 -9.45 2.26
N ARG A 96 -14.20 -9.57 3.13
CA ARG A 96 -14.12 -10.59 4.17
C ARG A 96 -14.01 -11.97 3.53
N GLN A 97 -14.86 -12.22 2.53
CA GLN A 97 -14.87 -13.44 1.72
C GLN A 97 -14.93 -13.01 0.26
N PRO A 98 -14.18 -13.68 -0.62
CA PRO A 98 -13.21 -14.75 -0.38
C PRO A 98 -11.82 -14.21 -0.06
N CYS A 99 -11.60 -12.93 -0.35
CA CYS A 99 -10.25 -12.42 -0.52
C CYS A 99 -9.44 -12.42 0.78
N ALA A 100 -10.10 -12.33 1.94
CA ALA A 100 -9.41 -12.39 3.22
C ALA A 100 -9.62 -13.73 3.91
N SER A 101 -10.21 -14.71 3.22
CA SER A 101 -10.49 -16.00 3.82
C SER A 101 -9.19 -16.71 4.19
N GLN A 102 -9.33 -17.69 5.07
CA GLN A 102 -8.21 -18.52 5.50
C GLN A 102 -7.40 -19.00 4.30
N SER A 103 -8.09 -19.56 3.30
CA SER A 103 -7.41 -20.15 2.16
C SER A 103 -6.78 -19.11 1.23
N SER A 104 -7.38 -17.93 1.09
CA SER A 104 -6.84 -16.92 0.20
C SER A 104 -5.74 -16.10 0.87
N GLN A 114 -8.12 -11.71 12.54
CA GLN A 114 -7.10 -10.65 12.46
C GLN A 114 -7.55 -9.57 11.45
N TRP A 115 -8.58 -9.90 10.67
CA TRP A 115 -9.26 -9.00 9.76
C TRP A 115 -10.41 -8.30 10.49
N GLN A 116 -10.65 -7.05 10.12
CA GLN A 116 -11.70 -6.25 10.76
C GLN A 116 -12.45 -5.36 9.76
N PRO A 117 -13.77 -5.27 9.91
CA PRO A 117 -14.55 -4.46 8.96
C PRO A 117 -14.26 -2.98 9.13
N LEU A 118 -14.45 -2.24 8.03
CA LEU A 118 -14.27 -0.79 8.08
C LEU A 118 -15.39 -0.09 8.83
N ILE A 119 -16.58 -0.69 8.93
CA ILE A 119 -17.71 -0.10 9.63
C ILE A 119 -17.95 -0.92 10.90
N GLN A 120 -17.70 -0.29 12.05
CA GLN A 120 -17.98 -0.84 13.37
C GLN A 120 -18.85 0.15 14.13
N ASP A 121 -19.84 -0.34 14.86
CA ASP A 121 -20.75 0.53 15.61
C ASP A 121 -21.35 1.59 14.69
N ARG A 122 -21.78 1.16 13.52
CA ARG A 122 -22.36 1.99 12.45
C ARG A 122 -21.61 3.29 12.23
N CYS A 123 -20.29 3.22 12.21
CA CYS A 123 -19.55 4.30 11.60
C CYS A 123 -18.26 3.78 10.99
N PHE A 124 -17.69 4.57 10.09
CA PHE A 124 -16.36 4.27 9.58
C PHE A 124 -15.33 4.45 10.69
N LEU A 125 -14.33 3.56 10.72
CA LEU A 125 -13.23 3.72 11.66
C LEU A 125 -12.65 5.12 11.55
N SER A 126 -12.23 5.66 12.70
CA SER A 126 -11.88 7.07 12.76
C SER A 126 -10.56 7.35 12.03
N TRP A 127 -9.67 6.36 11.92
CA TRP A 127 -8.44 6.60 11.17
C TRP A 127 -8.71 6.65 9.67
N LEU A 128 -9.84 6.11 9.21
CA LEU A 128 -10.21 6.25 7.80
C LEU A 128 -10.96 7.57 7.57
N VAL A 129 -11.97 7.85 8.37
CA VAL A 129 -12.76 9.06 8.28
C VAL A 129 -12.96 9.57 9.70
N LYS A 130 -12.47 10.79 9.98
CA LYS A 130 -12.51 11.29 11.35
C LYS A 130 -13.94 11.47 11.83
N ILE A 131 -14.21 11.07 13.06
CA ILE A 131 -15.47 11.34 13.73
C ILE A 131 -15.38 12.78 14.23
N PRO A 132 -16.26 13.67 13.79
CA PRO A 132 -16.27 15.03 14.37
C PRO A 132 -16.47 15.00 15.87
N SER A 133 -15.86 15.97 16.56
CA SER A 133 -15.99 16.07 18.00
C SER A 133 -17.42 16.46 18.36
N GLU A 134 -17.83 16.10 19.57
CA GLU A 134 -19.11 16.60 20.05
C GLU A 134 -19.18 18.12 19.95
N GLN A 135 -18.07 18.80 20.25
CA GLN A 135 -18.05 20.26 20.14
C GLN A 135 -18.34 20.70 18.70
N GLU A 136 -17.67 20.09 17.73
CA GLU A 136 -17.79 20.54 16.34
C GLU A 136 -19.13 20.16 15.75
N GLN A 137 -19.79 19.12 16.27
CA GLN A 137 -21.11 18.77 15.79
C GLN A 137 -22.18 19.68 16.39
N LEU A 138 -21.92 20.24 17.57
CA LEU A 138 -22.81 21.23 18.14
C LEU A 138 -22.86 22.51 17.32
N ARG A 139 -21.74 22.90 16.71
CA ARG A 139 -21.76 24.10 15.89
C ARG A 139 -22.45 23.88 14.54
N ALA A 140 -22.55 22.64 14.08
CA ALA A 140 -23.22 22.30 12.83
C ALA A 140 -24.73 22.29 13.04
N ARG A 141 -25.46 22.32 11.92
CA ARG A 141 -26.92 22.32 11.95
C ARG A 141 -27.40 21.04 12.58
N GLN A 142 -28.30 21.15 13.55
CA GLN A 142 -28.84 19.99 14.27
C GLN A 142 -30.02 19.41 13.49
N ILE A 143 -30.08 18.08 13.39
CA ILE A 143 -31.05 17.40 12.55
C ILE A 143 -31.48 16.15 13.32
N THR A 144 -32.78 15.90 13.36
CA THR A 144 -33.25 14.71 14.05
C THR A 144 -33.41 13.54 13.09
N ALA A 145 -33.62 12.35 13.66
CA ALA A 145 -33.81 11.16 12.84
C ALA A 145 -35.03 11.31 11.94
N GLN A 146 -36.11 11.88 12.49
CA GLN A 146 -37.32 12.10 11.69
C GLN A 146 -37.02 12.94 10.45
N GLN A 147 -36.31 14.07 10.63
CA GLN A 147 -36.06 14.98 9.51
C GLN A 147 -35.23 14.33 8.41
N ILE A 148 -34.27 13.48 8.77
CA ILE A 148 -33.41 12.83 7.77
C ILE A 148 -34.22 11.90 6.89
N ASN A 149 -34.91 10.94 7.49
CA ASN A 149 -35.78 10.04 6.73
C ASN A 149 -36.68 10.82 5.78
N LYS A 150 -37.37 11.84 6.29
CA LYS A 150 -38.11 12.74 5.40
C LYS A 150 -37.24 13.15 4.24
N LEU A 151 -36.04 13.67 4.53
CA LEU A 151 -35.25 14.25 3.46
C LEU A 151 -34.80 13.19 2.47
N GLU A 152 -34.40 12.01 2.98
CA GLU A 152 -34.07 10.92 2.09
C GLU A 152 -35.28 10.54 1.25
N GLU A 153 -36.45 10.51 1.87
CA GLU A 153 -37.68 10.24 1.14
C GLU A 153 -37.87 11.30 0.05
N LEU A 154 -37.52 12.54 0.38
CA LEU A 154 -37.68 13.64 -0.57
C LEU A 154 -36.66 13.59 -1.69
N TRP A 155 -35.45 13.08 -1.41
CA TRP A 155 -34.38 13.15 -2.39
C TRP A 155 -34.66 12.31 -3.63
N LYS A 156 -35.66 11.44 -3.62
CA LYS A 156 -35.87 10.57 -4.78
C LYS A 156 -36.52 11.33 -5.93
N GLU A 157 -37.58 12.09 -5.66
CA GLU A 157 -38.23 12.84 -6.74
C GLU A 157 -37.41 14.08 -7.12
N ASN A 158 -37.05 14.92 -6.16
CA ASN A 158 -36.20 16.06 -6.46
C ASN A 158 -34.91 15.87 -5.68
N PRO A 159 -33.87 15.33 -6.32
CA PRO A 159 -32.55 15.25 -5.68
C PRO A 159 -32.01 16.58 -5.21
N SER A 160 -32.60 17.69 -5.65
CA SER A 160 -32.12 19.02 -5.31
C SER A 160 -32.79 19.55 -4.06
N ARG B 3 -5.22 1.55 -4.84
CA ARG B 3 -6.26 0.53 -5.03
C ARG B 3 -6.10 -0.58 -4.00
N GLY B 4 -6.50 -0.31 -2.76
CA GLY B 4 -6.52 -1.30 -1.71
C GLY B 4 -5.45 -1.18 -0.65
N ILE B 5 -4.48 -0.29 -0.80
CA ILE B 5 -3.41 -0.11 0.17
C ILE B 5 -3.46 1.32 0.66
N LEU B 6 -3.37 1.50 1.98
CA LEU B 6 -3.56 2.79 2.63
C LEU B 6 -2.38 3.06 3.53
N ILE B 7 -1.78 4.24 3.39
CA ILE B 7 -0.67 4.70 4.22
C ILE B 7 -1.25 5.66 5.26
N LEU B 8 -1.19 5.25 6.53
CA LEU B 8 -1.87 5.94 7.62
C LEU B 8 -1.04 7.09 8.16
N PRO B 9 -1.64 7.99 8.94
CA PRO B 9 -0.90 9.16 9.43
C PRO B 9 0.21 8.75 10.37
N ALA B 10 1.10 9.71 10.62
CA ALA B 10 2.24 9.54 11.50
C ALA B 10 2.09 8.44 12.54
N LYS C 2 -18.11 -35.96 -27.26
CA LYS C 2 -19.56 -35.94 -27.12
C LYS C 2 -20.09 -34.53 -27.27
N ASP C 3 -21.37 -34.42 -27.61
CA ASP C 3 -22.04 -33.13 -27.73
C ASP C 3 -22.82 -32.86 -26.44
N LEU C 4 -22.12 -32.30 -25.45
CA LEU C 4 -22.79 -32.04 -24.18
C LEU C 4 -23.59 -30.73 -24.24
N PRO C 5 -24.64 -30.62 -23.42
CA PRO C 5 -25.47 -29.42 -23.43
C PRO C 5 -24.65 -28.17 -23.16
N ILE C 6 -25.26 -27.02 -23.45
CA ILE C 6 -24.55 -25.75 -23.30
C ILE C 6 -24.31 -25.42 -21.84
N HIS C 7 -25.01 -26.08 -20.92
CA HIS C 7 -24.92 -25.76 -19.49
C HIS C 7 -24.09 -26.76 -18.72
N ALA C 8 -23.12 -27.38 -19.37
CA ALA C 8 -22.31 -28.41 -18.72
C ALA C 8 -21.17 -27.74 -17.94
N CYS C 9 -20.81 -28.36 -16.82
CA CYS C 9 -19.72 -27.81 -16.03
C CYS C 9 -18.52 -27.60 -16.94
N SER C 10 -18.08 -26.34 -17.04
CA SER C 10 -16.97 -26.02 -17.93
C SER C 10 -15.69 -26.73 -17.52
N TYR C 11 -15.63 -27.25 -16.30
CA TYR C 11 -14.49 -28.02 -15.84
C TYR C 11 -14.62 -29.51 -16.12
N CYS C 12 -15.76 -30.11 -15.78
CA CYS C 12 -15.85 -31.57 -15.76
C CYS C 12 -17.02 -32.17 -16.54
N GLY C 13 -17.95 -31.37 -17.05
CA GLY C 13 -18.97 -31.86 -17.95
C GLY C 13 -20.29 -32.22 -17.31
N ILE C 14 -20.36 -32.30 -15.98
CA ILE C 14 -21.65 -32.55 -15.33
C ILE C 14 -22.65 -31.51 -15.81
N HIS C 15 -23.86 -31.98 -16.14
CA HIS C 15 -24.86 -31.10 -16.74
C HIS C 15 -26.28 -31.30 -16.21
N ASP C 16 -26.45 -31.94 -15.07
CA ASP C 16 -27.74 -31.97 -14.40
C ASP C 16 -28.15 -30.55 -14.01
N PRO C 17 -29.26 -30.02 -14.54
CA PRO C 17 -29.57 -28.60 -14.30
C PRO C 17 -29.71 -28.24 -12.82
N ALA C 18 -30.01 -29.19 -11.96
CA ALA C 18 -30.09 -28.93 -10.53
C ALA C 18 -28.72 -28.83 -9.87
N CYS C 19 -27.63 -28.96 -10.65
CA CYS C 19 -26.29 -29.01 -10.07
C CYS C 19 -25.36 -27.92 -10.57
N VAL C 20 -25.72 -27.18 -11.62
CA VAL C 20 -24.80 -26.24 -12.24
C VAL C 20 -25.26 -24.82 -11.97
N VAL C 21 -24.30 -23.89 -12.08
CA VAL C 21 -24.48 -22.48 -11.82
C VAL C 21 -23.81 -21.68 -12.93
N TYR C 22 -24.50 -20.66 -13.41
CA TYR C 22 -24.00 -19.79 -14.46
C TYR C 22 -23.25 -18.61 -13.88
N CYS C 23 -22.03 -18.39 -14.36
CA CYS C 23 -21.25 -17.20 -14.01
C CYS C 23 -21.63 -16.06 -14.95
N ASN C 24 -22.25 -15.02 -14.40
CA ASN C 24 -22.78 -13.92 -15.21
C ASN C 24 -21.69 -13.09 -15.87
N THR C 25 -20.48 -13.06 -15.30
CA THR C 25 -19.41 -12.25 -15.87
C THR C 25 -18.66 -12.99 -16.98
N SER C 26 -18.14 -14.18 -16.67
CA SER C 26 -17.43 -14.97 -17.67
C SER C 26 -18.36 -15.70 -18.62
N LYS C 27 -19.65 -15.80 -18.28
CA LYS C 27 -20.67 -16.38 -19.17
C LYS C 27 -20.44 -17.88 -19.39
N LYS C 28 -20.04 -18.59 -18.34
CA LYS C 28 -19.89 -20.04 -18.44
C LYS C 28 -20.54 -20.71 -17.25
N TRP C 29 -20.71 -22.03 -17.36
CA TRP C 29 -21.35 -22.84 -16.34
C TRP C 29 -20.35 -23.68 -15.57
N PHE C 30 -20.70 -23.99 -14.33
CA PHE C 30 -19.86 -24.79 -13.44
C PHE C 30 -20.77 -25.54 -12.49
N CYS C 31 -20.30 -26.70 -12.05
CA CYS C 31 -21.11 -27.53 -11.17
C CYS C 31 -20.77 -27.22 -9.71
N ASN C 32 -21.60 -27.75 -8.81
CA ASN C 32 -21.41 -27.56 -7.38
C ASN C 32 -20.83 -28.81 -6.72
N GLY C 33 -20.13 -29.62 -7.50
CA GLY C 33 -19.38 -30.72 -6.96
C GLY C 33 -17.89 -30.40 -6.85
N ARG C 34 -17.21 -31.10 -5.94
CA ARG C 34 -15.79 -30.83 -5.77
C ARG C 34 -14.96 -31.63 -6.74
N GLY C 35 -15.48 -32.76 -7.22
CA GLY C 35 -14.67 -33.65 -8.05
C GLY C 35 -13.45 -34.09 -7.27
N ASN C 36 -12.28 -33.85 -7.85
CA ASN C 36 -11.01 -34.23 -7.23
C ASN C 36 -10.35 -33.07 -6.49
N THR C 37 -11.03 -31.95 -6.37
CA THR C 37 -10.53 -30.80 -5.64
C THR C 37 -11.15 -30.72 -4.23
N SER C 38 -10.76 -29.67 -3.51
CA SER C 38 -11.19 -29.46 -2.14
C SER C 38 -12.38 -28.51 -2.02
N GLY C 39 -12.83 -27.91 -3.12
CA GLY C 39 -14.03 -27.11 -3.12
C GLY C 39 -14.85 -27.41 -4.37
N SER C 40 -16.03 -26.82 -4.42
CA SER C 40 -16.86 -27.05 -5.59
C SER C 40 -16.27 -26.30 -6.77
N HIS C 41 -16.55 -26.81 -7.97
CA HIS C 41 -16.02 -26.19 -9.18
C HIS C 41 -16.49 -24.76 -9.33
N ILE C 42 -17.75 -24.48 -9.03
CA ILE C 42 -18.29 -23.13 -9.24
C ILE C 42 -17.56 -22.12 -8.36
N VAL C 43 -17.39 -22.45 -7.07
CA VAL C 43 -16.73 -21.53 -6.16
C VAL C 43 -15.28 -21.32 -6.58
N ASN C 44 -14.56 -22.41 -6.82
CA ASN C 44 -13.17 -22.34 -7.25
C ASN C 44 -13.00 -21.37 -8.42
N HIS C 45 -13.89 -21.48 -9.42
CA HIS C 45 -13.86 -20.53 -10.54
C HIS C 45 -14.11 -19.11 -10.04
N LEU C 46 -15.09 -18.93 -9.16
CA LEU C 46 -15.40 -17.58 -8.69
C LEU C 46 -14.21 -16.96 -7.97
N VAL C 47 -13.53 -17.73 -7.12
CA VAL C 47 -12.36 -17.23 -6.44
C VAL C 47 -11.23 -16.99 -7.46
N ARG C 48 -11.08 -17.91 -8.42
CA ARG C 48 -9.95 -17.84 -9.36
C ARG C 48 -10.10 -16.65 -10.31
N ALA C 49 -11.25 -16.57 -10.98
CA ALA C 49 -11.51 -15.50 -11.94
C ALA C 49 -12.02 -14.22 -11.29
N LYS C 50 -12.24 -14.22 -9.98
CA LYS C 50 -12.62 -13.00 -9.25
C LYS C 50 -13.98 -12.50 -9.71
N CYS C 51 -14.94 -13.41 -9.76
CA CYS C 51 -16.33 -13.12 -10.10
C CYS C 51 -17.21 -13.38 -8.88
N LYS C 52 -18.49 -13.00 -9.01
CA LYS C 52 -19.31 -12.87 -7.82
C LYS C 52 -20.80 -13.01 -8.05
N GLU C 53 -21.25 -12.88 -9.28
CA GLU C 53 -22.66 -12.88 -9.61
C GLU C 53 -22.97 -14.12 -10.43
N VAL C 54 -23.99 -14.87 -10.00
CA VAL C 54 -24.32 -16.17 -10.59
C VAL C 54 -25.80 -16.21 -10.95
N THR C 55 -26.18 -17.24 -11.70
CA THR C 55 -27.56 -17.47 -12.07
C THR C 55 -27.82 -18.97 -12.07
N LEU C 56 -28.94 -19.39 -11.51
CA LEU C 56 -29.30 -20.80 -11.51
C LEU C 56 -30.03 -21.15 -12.81
N HIS C 57 -30.10 -22.45 -13.11
CA HIS C 57 -30.65 -22.95 -14.35
C HIS C 57 -32.16 -23.12 -14.23
N LYS C 58 -32.87 -22.85 -15.33
CA LYS C 58 -34.32 -22.80 -15.31
C LYS C 58 -34.94 -24.11 -14.84
N ASP C 59 -34.32 -25.24 -15.14
CA ASP C 59 -34.92 -26.53 -14.83
C ASP C 59 -34.53 -27.05 -13.44
N GLY C 60 -33.85 -26.25 -12.63
CA GLY C 60 -33.59 -26.59 -11.25
C GLY C 60 -34.81 -26.43 -10.39
N PRO C 61 -34.71 -26.92 -9.15
CA PRO C 61 -35.85 -26.81 -8.24
C PRO C 61 -36.40 -25.40 -8.05
N LEU C 62 -35.56 -24.37 -8.15
CA LEU C 62 -35.98 -22.99 -7.91
C LEU C 62 -36.06 -22.15 -9.18
N GLY C 63 -35.89 -22.76 -10.35
CA GLY C 63 -36.02 -22.05 -11.60
C GLY C 63 -34.89 -21.05 -11.87
N GLU C 64 -35.03 -20.35 -13.00
CA GLU C 64 -34.02 -19.41 -13.44
C GLU C 64 -34.02 -18.18 -12.54
N THR C 65 -32.89 -17.92 -11.89
CA THR C 65 -32.85 -16.97 -10.78
C THR C 65 -31.44 -16.45 -10.59
N VAL C 66 -31.27 -15.13 -10.74
CA VAL C 66 -30.07 -14.45 -10.28
C VAL C 66 -30.21 -14.24 -8.77
N LEU C 67 -29.27 -14.77 -8.00
CA LEU C 67 -29.30 -14.61 -6.55
C LEU C 67 -28.98 -13.16 -6.19
N GLU C 68 -29.81 -12.57 -5.34
CA GLU C 68 -29.58 -11.19 -4.93
C GLU C 68 -30.35 -10.89 -3.65
N CYS C 69 -29.92 -9.82 -3.00
CA CYS C 69 -30.54 -9.38 -1.77
C CYS C 69 -31.96 -8.88 -2.04
N TYR C 70 -32.92 -9.32 -1.22
CA TYR C 70 -34.26 -8.76 -1.33
C TYR C 70 -34.24 -7.25 -1.17
N ASN C 71 -33.36 -6.74 -0.30
CA ASN C 71 -33.43 -5.34 0.12
C ASN C 71 -32.76 -4.39 -0.88
N CYS C 72 -31.50 -4.66 -1.23
CA CYS C 72 -30.73 -3.70 -2.00
C CYS C 72 -30.34 -4.17 -3.40
N GLY C 73 -30.56 -5.43 -3.73
CA GLY C 73 -30.22 -5.91 -5.05
C GLY C 73 -28.76 -6.26 -5.24
N CYS C 74 -27.96 -6.24 -4.17
CA CYS C 74 -26.59 -6.72 -4.27
C CYS C 74 -26.59 -8.15 -4.78
N ARG C 75 -25.65 -8.45 -5.68
CA ARG C 75 -25.57 -9.77 -6.30
C ARG C 75 -24.29 -10.50 -5.93
N ASN C 76 -23.58 -10.03 -4.91
CA ASN C 76 -22.31 -10.61 -4.50
C ASN C 76 -22.59 -11.81 -3.60
N VAL C 77 -22.41 -13.00 -4.16
CA VAL C 77 -22.74 -14.23 -3.43
C VAL C 77 -21.86 -14.39 -2.19
N PHE C 78 -20.71 -13.74 -2.14
CA PHE C 78 -19.84 -13.85 -0.97
C PHE C 78 -20.34 -12.99 0.20
N LEU C 79 -21.32 -12.13 -0.03
CA LEU C 79 -21.95 -11.34 1.02
C LEU C 79 -23.35 -11.82 1.35
N LEU C 80 -23.94 -12.65 0.50
CA LEU C 80 -25.34 -13.02 0.67
C LEU C 80 -25.52 -14.17 1.66
N GLY C 81 -26.69 -14.20 2.26
CA GLY C 81 -27.11 -15.28 3.11
C GLY C 81 -28.60 -15.29 3.17
N PHE C 82 -29.15 -16.04 4.12
CA PHE C 82 -30.59 -16.21 4.17
C PHE C 82 -31.04 -16.33 5.62
N ILE C 83 -32.33 -16.10 5.83
CA ILE C 83 -32.94 -16.33 7.13
C ILE C 83 -34.25 -17.07 6.86
N PRO C 84 -34.57 -18.14 7.59
CA PRO C 84 -35.81 -18.88 7.30
C PRO C 84 -37.05 -18.02 7.50
N ALA C 85 -38.01 -18.19 6.60
CA ALA C 85 -39.37 -17.68 6.80
C ALA C 85 -40.19 -18.70 7.57
N SER C 89 -41.14 -22.16 5.59
CA SER C 89 -40.77 -22.96 4.43
C SER C 89 -40.53 -22.02 3.26
N VAL C 90 -40.22 -20.75 3.58
CA VAL C 90 -39.84 -19.69 2.65
C VAL C 90 -38.48 -19.16 3.11
N VAL C 91 -37.70 -18.67 2.16
CA VAL C 91 -36.39 -18.12 2.46
C VAL C 91 -36.24 -16.76 1.80
N VAL C 92 -35.66 -15.80 2.53
CA VAL C 92 -35.38 -14.46 2.02
C VAL C 92 -33.86 -14.26 2.05
N LEU C 93 -33.31 -13.79 0.92
CA LEU C 93 -31.88 -13.55 0.80
C LEU C 93 -31.55 -12.12 1.22
N LEU C 94 -30.44 -11.97 1.95
CA LEU C 94 -30.08 -10.67 2.50
C LEU C 94 -28.56 -10.57 2.59
N CYS C 95 -28.04 -9.38 2.28
CA CYS C 95 -26.65 -9.08 2.58
C CYS C 95 -26.37 -9.32 4.06
N ARG C 96 -25.14 -9.76 4.34
CA ARG C 96 -24.70 -9.90 5.71
C ARG C 96 -24.85 -8.59 6.48
N GLN C 97 -24.35 -7.50 5.91
CA GLN C 97 -24.47 -6.12 6.38
C GLN C 97 -24.81 -5.27 5.19
N PRO C 98 -25.69 -4.27 5.33
CA PRO C 98 -26.50 -3.92 6.51
C PRO C 98 -27.82 -4.68 6.59
N CYS C 99 -28.19 -5.31 5.49
CA CYS C 99 -29.58 -5.71 5.28
C CYS C 99 -30.06 -6.77 6.26
N ALA C 100 -29.16 -7.57 6.80
CA ALA C 100 -29.51 -8.56 7.81
C ALA C 100 -29.08 -8.12 9.21
N SER C 101 -28.68 -6.86 9.35
CA SER C 101 -28.22 -6.32 10.62
C SER C 101 -29.33 -6.31 11.68
N GLN C 102 -28.89 -6.18 12.93
CA GLN C 102 -29.83 -6.05 14.04
C GLN C 102 -30.88 -5.00 13.77
N SER C 103 -30.45 -3.81 13.36
CA SER C 103 -31.39 -2.71 13.19
C SER C 103 -32.34 -2.93 12.02
N SER C 104 -31.85 -3.61 10.97
CA SER C 104 -32.65 -3.86 9.79
C SER C 104 -33.56 -5.08 9.97
N GLN C 114 -28.66 -16.58 13.13
CA GLN C 114 -29.99 -16.87 12.55
C GLN C 114 -29.98 -16.51 11.06
N TRP C 115 -29.00 -15.70 10.65
CA TRP C 115 -28.64 -15.50 9.25
C TRP C 115 -27.50 -16.46 8.96
N GLN C 116 -27.47 -17.03 7.75
CA GLN C 116 -26.42 -17.99 7.42
C GLN C 116 -26.00 -17.78 5.98
N PRO C 117 -24.69 -17.83 5.71
CA PRO C 117 -24.23 -17.53 4.35
C PRO C 117 -24.65 -18.59 3.34
N LEU C 118 -24.75 -18.17 2.07
CA LEU C 118 -25.11 -19.14 1.03
C LEU C 118 -23.95 -20.06 0.71
N ILE C 119 -22.71 -19.62 0.96
CA ILE C 119 -21.52 -20.41 0.72
C ILE C 119 -20.91 -20.80 2.07
N GLN C 120 -20.95 -22.08 2.39
CA GLN C 120 -20.29 -22.62 3.57
C GLN C 120 -19.40 -23.76 3.13
N ASP C 121 -18.19 -23.79 3.67
CA ASP C 121 -17.17 -24.75 3.26
C ASP C 121 -17.02 -24.74 1.74
N ARG C 122 -16.99 -23.52 1.21
CA ARG C 122 -16.87 -23.18 -0.20
C ARG C 122 -17.70 -24.01 -1.17
N CYS C 123 -18.98 -24.22 -0.86
CA CYS C 123 -19.93 -24.59 -1.91
C CYS C 123 -21.28 -23.96 -1.57
N PHE C 124 -22.13 -23.84 -2.59
CA PHE C 124 -23.49 -23.37 -2.38
C PHE C 124 -24.28 -24.39 -1.57
N LEU C 125 -25.14 -23.89 -0.68
CA LEU C 125 -25.98 -24.78 0.12
C LEU C 125 -26.73 -25.73 -0.81
N SER C 126 -26.92 -26.98 -0.36
CA SER C 126 -27.38 -28.00 -1.28
C SER C 126 -28.84 -27.80 -1.68
N TRP C 127 -29.64 -27.15 -0.83
CA TRP C 127 -31.01 -26.82 -1.23
C TRP C 127 -31.02 -25.71 -2.27
N LEU C 128 -29.94 -24.97 -2.42
CA LEU C 128 -29.78 -24.00 -3.49
C LEU C 128 -29.27 -24.67 -4.77
N VAL C 129 -28.22 -25.49 -4.66
CA VAL C 129 -27.64 -26.19 -5.81
C VAL C 129 -27.29 -27.61 -5.40
N LYS C 130 -27.85 -28.60 -6.09
CA LYS C 130 -27.64 -29.98 -5.69
C LYS C 130 -26.19 -30.39 -5.91
N ILE C 131 -25.63 -31.12 -4.96
CA ILE C 131 -24.32 -31.74 -5.10
C ILE C 131 -24.47 -33.02 -5.92
N PRO C 132 -23.81 -33.17 -7.06
CA PRO C 132 -23.89 -34.42 -7.81
C PRO C 132 -23.42 -35.62 -6.99
N SER C 133 -24.01 -36.78 -7.27
CA SER C 133 -23.63 -38.01 -6.59
C SER C 133 -22.26 -38.45 -7.03
N GLU C 134 -21.57 -39.21 -6.17
CA GLU C 134 -20.25 -39.71 -6.53
C GLU C 134 -20.31 -40.46 -7.85
N GLN C 135 -21.38 -41.22 -8.07
CA GLN C 135 -21.53 -41.93 -9.33
C GLN C 135 -21.47 -40.96 -10.49
N GLU C 136 -22.13 -39.81 -10.36
CA GLU C 136 -22.15 -38.85 -11.46
C GLU C 136 -20.82 -38.11 -11.58
N GLN C 137 -20.10 -37.95 -10.46
CA GLN C 137 -18.81 -37.26 -10.52
C GLN C 137 -17.69 -38.20 -10.95
N LEU C 138 -17.85 -39.49 -10.67
CA LEU C 138 -16.86 -40.48 -11.09
C LEU C 138 -16.85 -40.63 -12.60
N ARG C 139 -18.01 -40.52 -13.25
CA ARG C 139 -18.13 -40.61 -14.69
C ARG C 139 -17.71 -39.32 -15.41
N ALA C 140 -17.62 -38.21 -14.70
CA ALA C 140 -17.26 -36.94 -15.33
C ALA C 140 -15.77 -36.89 -15.70
N ARG C 141 -15.43 -35.93 -16.55
CA ARG C 141 -14.04 -35.72 -16.96
C ARG C 141 -13.21 -35.44 -15.71
N GLN C 142 -12.16 -36.23 -15.50
CA GLN C 142 -11.36 -36.11 -14.28
C GLN C 142 -10.32 -34.99 -14.44
N ILE C 143 -10.27 -34.09 -13.46
CA ILE C 143 -9.40 -32.92 -13.55
C ILE C 143 -8.89 -32.57 -12.17
N THR C 144 -7.61 -32.19 -12.10
CA THR C 144 -6.94 -31.87 -10.83
C THR C 144 -7.04 -30.37 -10.54
N ALA C 145 -6.71 -30.01 -9.29
CA ALA C 145 -6.74 -28.61 -8.91
C ALA C 145 -5.74 -27.78 -9.73
N GLN C 146 -4.51 -28.28 -9.91
CA GLN C 146 -3.55 -27.59 -10.77
C GLN C 146 -4.10 -27.43 -12.19
N GLN C 147 -4.66 -28.49 -12.76
CA GLN C 147 -5.17 -28.40 -14.13
C GLN C 147 -6.21 -27.28 -14.23
N ILE C 148 -7.03 -27.11 -13.19
CA ILE C 148 -7.98 -26.02 -13.15
C ILE C 148 -7.23 -24.70 -13.08
N ASN C 149 -6.28 -24.56 -12.13
CA ASN C 149 -5.44 -23.36 -12.16
C ASN C 149 -4.85 -23.15 -13.54
N LYS C 150 -4.18 -24.17 -14.08
CA LYS C 150 -3.67 -24.06 -15.44
C LYS C 150 -4.74 -23.50 -16.36
N LEU C 151 -5.92 -24.13 -16.35
CA LEU C 151 -6.94 -23.87 -17.36
C LEU C 151 -7.53 -22.47 -17.22
N GLU C 152 -7.67 -21.96 -16.01
CA GLU C 152 -8.18 -20.59 -15.76
C GLU C 152 -7.23 -19.54 -16.34
N GLU C 153 -5.93 -19.77 -16.22
CA GLU C 153 -4.89 -18.82 -16.67
C GLU C 153 -4.94 -18.69 -18.20
N LEU C 154 -5.07 -19.80 -18.89
CA LEU C 154 -5.18 -19.81 -20.37
C LEU C 154 -6.45 -19.09 -20.80
N TRP C 155 -7.51 -19.04 -19.99
CA TRP C 155 -8.86 -18.58 -20.40
C TRP C 155 -8.99 -17.08 -20.66
N LYS C 156 -8.12 -16.20 -20.18
CA LYS C 156 -8.17 -14.80 -20.58
C LYS C 156 -7.52 -14.62 -21.95
N GLU C 157 -6.48 -15.41 -22.23
CA GLU C 157 -5.84 -15.34 -23.54
C GLU C 157 -6.83 -15.86 -24.59
N ASN C 158 -7.27 -17.11 -24.39
CA ASN C 158 -8.34 -17.73 -25.16
C ASN C 158 -9.43 -18.23 -24.23
N PRO C 159 -10.53 -17.50 -24.07
CA PRO C 159 -11.67 -18.05 -23.31
C PRO C 159 -12.19 -19.37 -23.87
N SER C 160 -11.87 -19.69 -25.11
CA SER C 160 -12.36 -20.92 -25.75
C SER C 160 -11.37 -22.07 -25.59
N ARG D 3 -37.07 -12.10 -6.90
CA ARG D 3 -36.00 -11.16 -6.61
C ARG D 3 -35.77 -11.02 -5.10
N GLY D 4 -35.14 -12.03 -4.51
CA GLY D 4 -34.72 -12.00 -3.12
C GLY D 4 -35.53 -12.86 -2.18
N ILE D 5 -36.63 -13.45 -2.63
CA ILE D 5 -37.43 -14.33 -1.81
C ILE D 5 -37.50 -15.67 -2.52
N LEU D 6 -37.26 -16.75 -1.80
CA LEU D 6 -37.26 -18.08 -2.39
C LEU D 6 -38.20 -19.03 -1.64
N ILE D 7 -39.11 -19.67 -2.38
CA ILE D 7 -39.96 -20.73 -1.87
C ILE D 7 -39.35 -22.06 -2.28
N LEU D 8 -38.91 -22.80 -1.27
CA LEU D 8 -38.12 -24.02 -1.50
C LEU D 8 -39.01 -25.07 -2.17
N PRO D 9 -38.45 -26.03 -2.91
CA PRO D 9 -39.26 -26.98 -3.65
C PRO D 9 -40.15 -27.81 -2.72
N ALA D 10 -41.38 -28.12 -3.14
CA ALA D 10 -42.31 -28.95 -2.37
C ALA D 10 -41.69 -30.33 -2.16
N ASP E 3 10.31 -29.54 -22.00
CA ASP E 3 9.07 -28.76 -21.96
C ASP E 3 9.22 -27.77 -20.82
N LEU E 4 9.71 -26.57 -21.14
CA LEU E 4 10.01 -25.56 -20.13
C LEU E 4 8.71 -24.94 -19.60
N PRO E 5 8.71 -24.46 -18.36
CA PRO E 5 7.49 -23.81 -17.83
C PRO E 5 7.05 -22.66 -18.73
N ILE E 6 5.81 -22.22 -18.57
CA ILE E 6 5.26 -21.22 -19.46
C ILE E 6 5.94 -19.87 -19.31
N HIS E 7 6.65 -19.65 -18.20
CA HIS E 7 7.22 -18.35 -17.89
C HIS E 7 8.73 -18.27 -18.09
N ALA E 8 9.26 -19.05 -19.02
CA ALA E 8 10.70 -19.04 -19.25
C ALA E 8 11.07 -17.92 -20.21
N CYS E 9 12.23 -17.31 -19.96
CA CYS E 9 12.70 -16.23 -20.84
C CYS E 9 12.76 -16.72 -22.28
N SER E 10 12.01 -16.06 -23.15
CA SER E 10 11.97 -16.47 -24.55
C SER E 10 13.34 -16.35 -25.22
N TYR E 11 14.28 -15.63 -24.61
CA TYR E 11 15.62 -15.56 -25.19
C TYR E 11 16.51 -16.70 -24.69
N CYS E 12 16.55 -16.91 -23.37
CA CYS E 12 17.53 -17.79 -22.75
C CYS E 12 16.97 -18.81 -21.78
N GLY E 13 15.69 -18.74 -21.42
CA GLY E 13 15.04 -19.80 -20.69
C GLY E 13 14.92 -19.66 -19.18
N ILE E 14 15.58 -18.69 -18.56
CA ILE E 14 15.41 -18.57 -17.11
C ILE E 14 13.92 -18.50 -16.79
N HIS E 15 13.54 -19.18 -15.70
CA HIS E 15 12.14 -19.28 -15.31
C HIS E 15 11.99 -19.13 -13.80
N ASP E 16 13.00 -18.60 -13.12
CA ASP E 16 12.87 -18.21 -11.72
C ASP E 16 11.81 -17.11 -11.70
N PRO E 17 10.64 -17.35 -11.09
CA PRO E 17 9.55 -16.36 -11.21
C PRO E 17 9.88 -14.98 -10.68
N ALA E 18 10.85 -14.84 -9.77
CA ALA E 18 11.26 -13.53 -9.31
C ALA E 18 12.13 -12.80 -10.33
N CYS E 19 12.37 -13.40 -11.50
CA CYS E 19 13.30 -12.84 -12.46
C CYS E 19 12.71 -12.53 -13.82
N VAL E 20 11.48 -12.95 -14.11
CA VAL E 20 10.93 -12.85 -15.45
C VAL E 20 9.80 -11.83 -15.48
N VAL E 21 9.53 -11.31 -16.67
CA VAL E 21 8.53 -10.27 -16.88
C VAL E 21 7.74 -10.57 -18.13
N TYR E 22 6.43 -10.41 -18.05
CA TYR E 22 5.51 -10.61 -19.17
C TYR E 22 5.37 -9.32 -19.96
N CYS E 23 5.61 -9.38 -21.27
CA CYS E 23 5.34 -8.26 -22.16
C CYS E 23 3.86 -8.34 -22.55
N ASN E 24 3.06 -7.38 -22.08
CA ASN E 24 1.61 -7.45 -22.25
C ASN E 24 1.19 -7.34 -23.71
N THR E 25 2.02 -6.72 -24.55
CA THR E 25 1.71 -6.53 -25.96
C THR E 25 2.12 -7.75 -26.78
N SER E 26 3.39 -8.15 -26.69
CA SER E 26 3.86 -9.32 -27.42
C SER E 26 3.44 -10.62 -26.76
N LYS E 27 3.05 -10.59 -25.49
CA LYS E 27 2.51 -11.76 -24.77
C LYS E 27 3.56 -12.86 -24.62
N LYS E 28 4.79 -12.48 -24.34
CA LYS E 28 5.85 -13.44 -24.06
C LYS E 28 6.60 -12.98 -22.81
N TRP E 29 7.40 -13.88 -22.25
CA TRP E 29 8.13 -13.63 -21.02
C TRP E 29 9.61 -13.39 -21.32
N PHE E 30 10.24 -12.57 -20.48
CA PHE E 30 11.65 -12.22 -20.62
C PHE E 30 12.23 -12.02 -19.23
N CYS E 31 13.51 -12.30 -19.08
CA CYS E 31 14.16 -12.16 -17.78
C CYS E 31 14.85 -10.80 -17.68
N ASN E 32 15.24 -10.46 -16.45
CA ASN E 32 15.88 -9.18 -16.16
C ASN E 32 17.38 -9.34 -15.95
N GLY E 33 17.97 -10.35 -16.57
CA GLY E 33 19.40 -10.51 -16.60
C GLY E 33 19.98 -9.99 -17.90
N ARG E 34 21.24 -9.61 -17.87
CA ARG E 34 21.88 -9.01 -19.03
C ARG E 34 22.47 -10.05 -19.97
N GLY E 35 22.88 -11.19 -19.43
CA GLY E 35 23.68 -12.14 -20.20
C GLY E 35 24.94 -11.43 -20.65
N ASN E 36 25.25 -11.52 -21.94
CA ASN E 36 26.42 -10.86 -22.52
C ASN E 36 26.05 -9.59 -23.26
N THR E 37 24.83 -9.09 -23.07
CA THR E 37 24.44 -7.85 -23.71
C THR E 37 24.70 -6.69 -22.76
N SER E 38 24.39 -5.47 -23.18
CA SER E 38 24.56 -4.28 -22.35
C SER E 38 23.27 -3.88 -21.65
N GLY E 39 22.15 -4.56 -21.94
CA GLY E 39 20.95 -4.38 -21.19
C GLY E 39 20.31 -5.74 -20.89
N SER E 40 19.30 -5.72 -20.02
CA SER E 40 18.62 -6.96 -19.68
C SER E 40 17.72 -7.41 -20.82
N HIS E 41 17.40 -8.71 -20.83
CA HIS E 41 16.60 -9.29 -21.91
C HIS E 41 15.25 -8.61 -22.02
N ILE E 42 14.58 -8.37 -20.90
CA ILE E 42 13.26 -7.74 -20.96
C ILE E 42 13.36 -6.35 -21.58
N VAL E 43 14.29 -5.54 -21.08
CA VAL E 43 14.43 -4.18 -21.60
C VAL E 43 14.86 -4.21 -23.06
N ASN E 44 15.90 -4.98 -23.39
CA ASN E 44 16.30 -5.10 -24.80
C ASN E 44 15.11 -5.45 -25.68
N HIS E 45 14.28 -6.38 -25.24
CA HIS E 45 13.09 -6.72 -26.00
C HIS E 45 12.18 -5.50 -26.16
N LEU E 46 11.97 -4.77 -25.06
CA LEU E 46 11.04 -3.65 -25.10
C LEU E 46 11.48 -2.60 -26.11
N VAL E 47 12.77 -2.30 -26.16
CA VAL E 47 13.25 -1.33 -27.14
C VAL E 47 13.07 -1.87 -28.56
N ARG E 48 13.42 -3.13 -28.81
CA ARG E 48 13.38 -3.63 -30.18
C ARG E 48 11.95 -3.74 -30.70
N ALA E 49 11.08 -4.41 -29.94
CA ALA E 49 9.68 -4.57 -30.36
C ALA E 49 8.82 -3.35 -30.05
N LYS E 50 9.37 -2.34 -29.38
CA LYS E 50 8.69 -1.06 -29.17
C LYS E 50 7.42 -1.19 -28.33
N CYS E 51 7.56 -1.86 -27.19
CA CYS E 51 6.48 -2.04 -26.23
C CYS E 51 6.82 -1.30 -24.93
N LYS E 52 5.88 -1.30 -23.99
CA LYS E 52 5.98 -0.38 -22.86
C LYS E 52 5.30 -0.87 -21.59
N GLU E 53 4.37 -1.81 -21.71
CA GLU E 53 3.55 -2.27 -20.59
C GLU E 53 3.87 -3.72 -20.26
N VAL E 54 4.11 -4.02 -18.97
CA VAL E 54 4.53 -5.35 -18.53
C VAL E 54 3.71 -5.79 -17.33
N THR E 55 3.90 -7.07 -16.96
CA THR E 55 3.27 -7.71 -15.81
C THR E 55 4.29 -8.59 -15.10
N LEU E 56 4.30 -8.52 -13.77
CA LEU E 56 5.16 -9.36 -12.96
C LEU E 56 4.48 -10.72 -12.71
N HIS E 57 5.27 -11.68 -12.24
CA HIS E 57 4.81 -13.06 -12.14
C HIS E 57 4.07 -13.30 -10.82
N LYS E 58 3.12 -14.24 -10.88
CA LYS E 58 2.22 -14.49 -9.77
C LYS E 58 2.97 -14.80 -8.49
N ASP E 59 4.07 -15.57 -8.61
CA ASP E 59 4.84 -16.05 -7.47
C ASP E 59 6.08 -15.21 -7.16
N GLY E 60 6.24 -14.06 -7.81
CA GLY E 60 7.31 -13.16 -7.46
C GLY E 60 7.03 -12.45 -6.16
N PRO E 61 8.04 -11.76 -5.62
CA PRO E 61 7.83 -11.05 -4.34
C PRO E 61 6.65 -10.10 -4.35
N LEU E 62 6.30 -9.52 -5.50
CA LEU E 62 5.24 -8.52 -5.56
C LEU E 62 3.97 -9.07 -6.18
N GLY E 63 3.95 -10.36 -6.52
CA GLY E 63 2.77 -10.97 -7.09
C GLY E 63 2.46 -10.47 -8.49
N GLU E 64 1.35 -10.97 -9.04
CA GLU E 64 0.92 -10.58 -10.37
C GLU E 64 0.52 -9.11 -10.33
N THR E 65 1.20 -8.29 -11.14
CA THR E 65 1.09 -6.85 -11.00
C THR E 65 1.44 -6.18 -12.32
N VAL E 66 0.46 -5.48 -12.89
CA VAL E 66 0.73 -4.54 -13.98
C VAL E 66 1.25 -3.27 -13.33
N LEU E 67 2.46 -2.87 -13.70
CA LEU E 67 3.03 -1.65 -13.15
C LEU E 67 2.33 -0.44 -13.73
N GLU E 68 1.95 0.51 -12.88
CA GLU E 68 1.31 1.70 -13.41
C GLU E 68 1.41 2.83 -12.40
N CYS E 69 1.24 4.04 -12.92
CA CYS E 69 1.30 5.25 -12.11
C CYS E 69 0.21 5.25 -11.05
N TYR E 70 0.59 5.63 -9.84
CA TYR E 70 -0.42 5.80 -8.80
C TYR E 70 -1.48 6.79 -9.23
N ASN E 71 -1.08 7.86 -9.92
CA ASN E 71 -1.95 9.00 -10.11
C ASN E 71 -2.84 8.87 -11.34
N CYS E 72 -2.27 8.56 -12.51
CA CYS E 72 -3.03 8.60 -13.75
C CYS E 72 -3.21 7.25 -14.42
N GLY E 73 -2.54 6.20 -13.94
CA GLY E 73 -2.70 4.88 -14.52
C GLY E 73 -1.87 4.60 -15.75
N CYS E 74 -0.98 5.50 -16.14
CA CYS E 74 -0.05 5.22 -17.23
C CYS E 74 0.71 3.95 -16.94
N ARG E 75 0.90 3.13 -17.98
CA ARG E 75 1.57 1.85 -17.86
C ARG E 75 2.90 1.81 -18.62
N ASN E 76 3.42 2.98 -19.00
CA ASN E 76 4.63 3.11 -19.80
C ASN E 76 5.82 3.01 -18.85
N VAL E 77 6.49 1.85 -18.85
CA VAL E 77 7.52 1.61 -17.85
C VAL E 77 8.69 2.57 -18.03
N PHE E 78 8.87 3.12 -19.24
CA PHE E 78 9.96 4.04 -19.48
C PHE E 78 9.68 5.44 -18.96
N LEU E 79 8.45 5.72 -18.52
CA LEU E 79 8.09 7.01 -17.94
C LEU E 79 7.91 6.91 -16.44
N LEU E 80 7.76 5.71 -15.90
CA LEU E 80 7.47 5.49 -14.50
C LEU E 80 8.76 5.52 -13.66
N GLY E 81 8.56 5.85 -12.39
CA GLY E 81 9.59 5.78 -11.38
C GLY E 81 8.89 5.59 -10.06
N PHE E 82 9.62 5.87 -8.98
CA PHE E 82 9.07 5.62 -7.66
C PHE E 82 9.58 6.64 -6.67
N ILE E 83 8.85 6.79 -5.57
CA ILE E 83 9.25 7.62 -4.43
C ILE E 83 9.00 6.81 -3.17
N PRO E 84 9.92 6.82 -2.19
CA PRO E 84 9.69 6.02 -0.98
C PRO E 84 8.42 6.42 -0.25
N ASP E 88 7.00 3.43 5.06
CA ASP E 88 8.11 2.90 5.83
C ASP E 88 8.88 1.88 4.99
N SER E 89 8.15 0.88 4.47
CA SER E 89 8.67 -0.10 3.53
C SER E 89 7.81 -0.16 2.28
N VAL E 90 7.15 0.95 1.94
CA VAL E 90 6.27 1.02 0.78
C VAL E 90 6.81 2.04 -0.24
N VAL E 91 6.49 1.78 -1.51
CA VAL E 91 6.92 2.60 -2.65
C VAL E 91 5.70 2.94 -3.51
N VAL E 92 5.68 4.16 -4.05
CA VAL E 92 4.60 4.62 -4.92
C VAL E 92 5.17 4.85 -6.31
N LEU E 93 4.52 4.29 -7.33
CA LEU E 93 4.94 4.47 -8.71
C LEU E 93 4.25 5.68 -9.32
N LEU E 94 5.00 6.46 -10.09
CA LEU E 94 4.52 7.72 -10.64
C LEU E 94 5.21 8.02 -11.97
N CYS E 95 4.44 8.56 -12.91
CA CYS E 95 5.06 9.15 -14.09
C CYS E 95 6.08 10.20 -13.68
N ARG E 96 7.17 10.28 -14.44
CA ARG E 96 8.11 11.39 -14.23
C ARG E 96 7.41 12.73 -14.38
N GLN E 97 6.58 12.86 -15.41
CA GLN E 97 5.77 14.03 -15.69
C GLN E 97 4.35 13.56 -16.01
N PRO E 98 3.33 14.25 -15.50
CA PRO E 98 3.35 15.37 -14.53
C PRO E 98 3.32 14.85 -13.10
N CYS E 99 2.98 13.56 -12.94
CA CYS E 99 2.50 13.05 -11.67
C CYS E 99 3.54 13.09 -10.57
N ALA E 100 4.83 13.12 -10.92
CA ALA E 100 5.88 13.24 -9.91
C ALA E 100 6.50 14.64 -9.84
N SER E 101 5.93 15.61 -10.54
CA SER E 101 6.45 16.97 -10.54
C SER E 101 6.28 17.63 -9.17
N GLN E 102 7.08 18.68 -8.95
CA GLN E 102 6.98 19.46 -7.72
C GLN E 102 5.53 19.88 -7.46
N SER E 103 4.89 20.46 -8.47
CA SER E 103 3.54 20.98 -8.30
C SER E 103 2.54 19.85 -8.11
N SER E 104 2.73 18.72 -8.78
CA SER E 104 1.86 17.57 -8.62
C SER E 104 2.33 16.69 -7.46
N GLN E 114 13.84 13.20 -5.33
CA GLN E 114 13.76 11.93 -4.61
C GLN E 114 13.09 10.84 -5.46
N TRP E 115 12.55 11.23 -6.61
CA TRP E 115 11.96 10.29 -7.55
C TRP E 115 13.05 9.67 -8.41
N GLN E 116 12.89 8.38 -8.74
CA GLN E 116 13.90 7.64 -9.47
C GLN E 116 13.27 6.68 -10.47
N PRO E 117 13.80 6.58 -11.68
CA PRO E 117 13.16 5.74 -12.70
C PRO E 117 13.27 4.25 -12.40
N LEU E 118 12.32 3.50 -12.95
CA LEU E 118 12.26 2.06 -12.75
C LEU E 118 13.28 1.30 -13.59
N ILE E 119 13.68 1.84 -14.73
CA ILE E 119 14.68 1.22 -15.59
C ILE E 119 15.95 2.04 -15.44
N GLN E 120 16.95 1.45 -14.78
CA GLN E 120 18.27 2.07 -14.65
C GLN E 120 19.33 1.13 -15.17
N ASP E 121 20.30 1.71 -15.86
CA ASP E 121 21.34 0.98 -16.55
C ASP E 121 20.69 -0.10 -17.42
N ARG E 122 19.62 0.30 -18.10
CA ARG E 122 18.86 -0.55 -19.00
C ARG E 122 18.50 -1.91 -18.45
N CYS E 123 18.11 -1.96 -17.19
CA CYS E 123 17.37 -3.08 -16.65
C CYS E 123 16.46 -2.57 -15.55
N PHE E 124 15.47 -3.38 -15.22
CA PHE E 124 14.61 -3.08 -14.09
C PHE E 124 15.38 -3.17 -12.80
N LEU E 125 15.07 -2.27 -11.86
CA LEU E 125 15.68 -2.34 -10.55
C LEU E 125 15.48 -3.74 -9.98
N SER E 126 16.48 -4.24 -9.24
CA SER E 126 16.44 -5.63 -8.83
C SER E 126 15.37 -5.88 -7.77
N TRP E 127 14.96 -4.86 -6.99
CA TRP E 127 13.88 -5.10 -6.06
C TRP E 127 12.54 -5.21 -6.77
N LEU E 128 12.46 -4.73 -8.01
CA LEU E 128 11.25 -4.93 -8.82
C LEU E 128 11.30 -6.29 -9.52
N VAL E 129 12.42 -6.59 -10.18
CA VAL E 129 12.62 -7.86 -10.86
C VAL E 129 14.04 -8.34 -10.56
N LYS E 130 14.16 -9.52 -9.98
CA LYS E 130 15.44 -9.98 -9.46
C LYS E 130 16.41 -10.20 -10.62
N ILE E 131 17.67 -9.81 -10.40
CA ILE E 131 18.73 -10.12 -11.36
C ILE E 131 19.07 -11.60 -11.22
N PRO E 132 18.99 -12.40 -12.28
CA PRO E 132 19.54 -13.76 -12.18
C PRO E 132 21.03 -13.68 -11.88
N SER E 133 21.50 -14.64 -11.09
CA SER E 133 22.92 -14.67 -10.77
C SER E 133 23.73 -15.06 -12.01
N GLU E 134 25.00 -14.66 -12.01
CA GLU E 134 25.92 -15.10 -13.06
C GLU E 134 25.92 -16.63 -13.13
N GLN E 135 25.86 -17.29 -11.97
CA GLN E 135 25.77 -18.74 -11.93
C GLN E 135 24.53 -19.24 -12.67
N GLU E 136 23.38 -18.62 -12.39
CA GLU E 136 22.12 -19.04 -13.00
C GLU E 136 21.99 -18.65 -14.48
N GLN E 137 22.73 -17.64 -14.95
CA GLN E 137 22.64 -17.30 -16.36
C GLN E 137 23.55 -18.18 -17.22
N LEU E 138 24.66 -18.68 -16.67
CA LEU E 138 25.54 -19.58 -17.45
C LEU E 138 24.81 -20.89 -17.71
N ARG E 139 23.94 -21.33 -16.78
CA ARG E 139 23.19 -22.56 -17.01
C ARG E 139 22.06 -22.35 -18.01
N ALA E 140 21.61 -21.12 -18.18
CA ALA E 140 20.56 -20.85 -19.15
C ALA E 140 21.14 -20.93 -20.56
N ARG E 141 20.26 -21.07 -21.54
CA ARG E 141 20.72 -21.11 -22.91
C ARG E 141 21.37 -19.77 -23.26
N GLN E 142 22.66 -19.78 -23.61
CA GLN E 142 23.38 -18.54 -23.89
C GLN E 142 23.20 -18.10 -25.33
N ILE E 143 22.93 -16.81 -25.51
CA ILE E 143 22.52 -16.24 -26.80
C ILE E 143 23.21 -14.89 -26.95
N THR E 144 23.65 -14.58 -28.16
CA THR E 144 24.39 -13.36 -28.42
C THR E 144 23.46 -12.25 -28.89
N ALA E 145 24.01 -11.03 -28.93
CA ALA E 145 23.21 -9.87 -29.31
C ALA E 145 22.64 -10.01 -30.71
N GLN E 146 23.45 -10.48 -31.67
CA GLN E 146 22.93 -10.67 -33.02
C GLN E 146 21.73 -11.63 -33.03
N GLN E 147 21.86 -12.76 -32.34
CA GLN E 147 20.83 -13.78 -32.40
C GLN E 147 19.48 -13.23 -31.94
N ILE E 148 19.50 -12.33 -30.96
CA ILE E 148 18.26 -11.76 -30.47
C ILE E 148 17.61 -10.86 -31.52
N ASN E 149 18.32 -9.80 -31.94
CA ASN E 149 17.82 -9.00 -33.06
C ASN E 149 17.43 -9.88 -34.22
N LYS E 150 18.32 -10.82 -34.60
CA LYS E 150 17.92 -11.84 -35.55
C LYS E 150 16.50 -12.30 -35.22
N LEU E 151 16.30 -12.76 -33.99
CA LEU E 151 15.07 -13.43 -33.61
C LEU E 151 13.90 -12.44 -33.53
N GLU E 152 14.14 -11.23 -33.00
CA GLU E 152 13.07 -10.24 -32.98
C GLU E 152 12.60 -9.96 -34.40
N GLU E 153 13.54 -9.86 -35.35
CA GLU E 153 13.17 -9.71 -36.76
C GLU E 153 12.25 -10.84 -37.22
N LEU E 154 12.53 -12.08 -36.82
CA LEU E 154 11.71 -13.21 -37.23
C LEU E 154 10.35 -13.22 -36.53
N TRP E 155 10.27 -12.69 -35.30
CA TRP E 155 9.03 -12.78 -34.53
C TRP E 155 7.90 -12.02 -35.20
N LYS E 156 8.19 -11.17 -36.19
CA LYS E 156 7.14 -10.43 -36.88
C LYS E 156 6.34 -11.33 -37.82
N GLU E 157 7.03 -12.16 -38.60
CA GLU E 157 6.34 -13.09 -39.50
C GLU E 157 5.75 -14.27 -38.74
N ASN E 158 6.59 -14.97 -37.99
CA ASN E 158 6.18 -16.11 -37.18
C ASN E 158 6.44 -15.79 -35.72
N PRO E 159 5.42 -15.35 -34.97
CA PRO E 159 5.61 -15.15 -33.52
C PRO E 159 6.02 -16.43 -32.79
N SER E 160 5.85 -17.60 -33.39
CA SER E 160 6.12 -18.85 -32.70
C SER E 160 7.51 -19.42 -32.94
N ARG F 3 -3.25 -0.74 -7.59
CA ARG F 3 -2.94 0.00 -8.81
C ARG F 3 -1.97 1.14 -8.49
N GLY F 4 -0.69 0.80 -8.33
CA GLY F 4 0.35 1.80 -8.15
C GLY F 4 1.06 1.87 -6.82
N ILE F 5 0.71 1.05 -5.84
CA ILE F 5 1.40 1.04 -4.56
C ILE F 5 2.00 -0.35 -4.36
N LEU F 6 3.25 -0.39 -3.92
CA LEU F 6 4.01 -1.63 -3.84
C LEU F 6 4.57 -1.76 -2.43
N ILE F 7 4.30 -2.90 -1.80
CA ILE F 7 4.84 -3.21 -0.48
C ILE F 7 6.00 -4.18 -0.69
N LEU F 8 7.22 -3.73 -0.41
CA LEU F 8 8.40 -4.52 -0.74
C LEU F 8 8.67 -5.57 0.33
N PRO F 9 9.49 -6.57 0.02
CA PRO F 9 9.77 -7.62 1.01
C PRO F 9 10.53 -7.08 2.21
N ALA F 10 10.53 -7.88 3.27
CA ALA F 10 11.21 -7.57 4.52
C ALA F 10 12.39 -6.61 4.39
N LYS G 2 30.01 8.97 3.68
CA LYS G 2 29.06 9.94 3.12
C LYS G 2 29.12 11.26 3.89
N ASP G 3 28.70 12.34 3.24
CA ASP G 3 28.64 13.65 3.88
C ASP G 3 27.17 13.84 4.26
N LEU G 4 26.79 13.36 5.45
CA LEU G 4 25.39 13.40 5.86
C LEU G 4 25.01 14.81 6.33
N PRO G 5 23.72 15.16 6.25
CA PRO G 5 23.31 16.54 6.57
C PRO G 5 23.75 16.98 7.96
N ILE G 6 23.72 18.29 8.19
CA ILE G 6 24.23 18.84 9.45
C ILE G 6 23.35 18.48 10.64
N HIS G 7 22.09 18.09 10.43
CA HIS G 7 21.20 17.79 11.53
C HIS G 7 21.01 16.29 11.74
N ALA G 8 22.00 15.49 11.39
CA ALA G 8 21.92 14.04 11.54
C ALA G 8 22.40 13.64 12.93
N CYS G 9 21.77 12.60 13.48
CA CYS G 9 22.09 12.12 14.82
C CYS G 9 23.56 11.78 14.99
N SER G 10 24.21 12.44 15.95
CA SER G 10 25.64 12.23 16.19
C SER G 10 25.96 10.83 16.68
N TYR G 11 24.97 10.07 17.12
CA TYR G 11 25.23 8.68 17.51
C TYR G 11 25.13 7.74 16.31
N CYS G 12 24.03 7.85 15.54
CA CYS G 12 23.71 6.86 14.51
C CYS G 12 23.35 7.40 13.12
N GLY G 13 23.15 8.71 12.95
CA GLY G 13 23.09 9.32 11.64
C GLY G 13 21.73 9.57 11.05
N ILE G 14 20.65 9.07 11.65
CA ILE G 14 19.35 9.37 11.07
C ILE G 14 19.20 10.88 10.96
N HIS G 15 18.55 11.34 9.88
CA HIS G 15 18.47 12.77 9.59
C HIS G 15 17.11 13.23 9.11
N ASP G 16 16.07 12.44 9.33
CA ASP G 16 14.70 12.90 9.08
C ASP G 16 14.38 14.07 10.00
N PRO G 17 14.11 15.26 9.48
CA PRO G 17 14.02 16.44 10.35
C PRO G 17 12.96 16.37 11.43
N ALA G 18 11.88 15.59 11.23
CA ALA G 18 10.86 15.44 12.27
C ALA G 18 11.29 14.48 13.37
N CYS G 19 12.52 13.96 13.33
CA CYS G 19 12.96 12.94 14.26
C CYS G 19 14.15 13.38 15.10
N VAL G 20 14.76 14.51 14.80
CA VAL G 20 15.98 14.94 15.46
C VAL G 20 15.69 16.13 16.37
N VAL G 21 16.55 16.31 17.37
CA VAL G 21 16.44 17.37 18.36
C VAL G 21 17.82 17.99 18.52
N TYR G 22 17.87 19.31 18.54
CA TYR G 22 19.12 20.06 18.70
C TYR G 22 19.38 20.27 20.18
N CYS G 23 20.56 19.87 20.64
CA CYS G 23 20.99 20.17 22.01
C CYS G 23 21.60 21.57 22.01
N ASN G 24 20.92 22.52 22.67
CA ASN G 24 21.37 23.90 22.59
C ASN G 24 22.71 24.11 23.28
N THR G 25 23.04 23.27 24.26
CA THR G 25 24.31 23.41 24.97
C THR G 25 25.43 22.71 24.20
N SER G 26 25.23 21.44 23.86
CA SER G 26 26.25 20.70 23.14
C SER G 26 26.32 21.06 21.65
N LYS G 27 25.28 21.68 21.10
CA LYS G 27 25.31 22.17 19.72
C LYS G 27 25.39 21.01 18.74
N LYS G 28 24.77 19.90 19.06
CA LYS G 28 24.73 18.73 18.19
C LYS G 28 23.30 18.23 18.16
N TRP G 29 23.00 17.37 17.19
CA TRP G 29 21.66 16.83 17.00
C TRP G 29 21.60 15.37 17.40
N PHE G 30 20.42 14.93 17.84
CA PHE G 30 20.18 13.56 18.24
C PHE G 30 18.74 13.19 17.93
N CYS G 31 18.51 11.91 17.65
CA CYS G 31 17.21 11.41 17.26
C CYS G 31 16.46 10.84 18.46
N ASN G 32 15.17 10.59 18.26
CA ASN G 32 14.28 10.13 19.32
C ASN G 32 13.94 8.65 19.20
N GLY G 33 14.83 7.87 18.58
CA GLY G 33 14.72 6.42 18.55
C GLY G 33 15.67 5.81 19.55
N ARG G 34 15.36 4.58 19.98
CA ARG G 34 16.21 3.98 21.00
C ARG G 34 17.41 3.25 20.39
N GLY G 35 17.25 2.76 19.17
CA GLY G 35 18.29 1.92 18.61
C GLY G 35 18.48 0.70 19.49
N ASN G 36 19.71 0.48 19.93
CA ASN G 36 20.07 -0.69 20.69
C ASN G 36 20.11 -0.42 22.19
N THR G 37 19.72 0.77 22.61
CA THR G 37 19.64 1.13 24.02
C THR G 37 18.20 1.01 24.51
N SER G 38 18.01 1.29 25.81
CA SER G 38 16.70 1.21 26.45
C SER G 38 15.99 2.55 26.50
N GLY G 39 16.64 3.62 26.05
CA GLY G 39 16.03 4.93 25.93
C GLY G 39 16.40 5.55 24.61
N SER G 40 15.81 6.71 24.32
CA SER G 40 16.10 7.40 23.08
C SER G 40 17.48 8.04 23.14
N HIS G 41 18.08 8.23 21.96
CA HIS G 41 19.42 8.80 21.88
C HIS G 41 19.46 10.20 22.46
N ILE G 42 18.47 11.04 22.14
CA ILE G 42 18.52 12.43 22.56
C ILE G 42 18.46 12.52 24.09
N VAL G 43 17.56 11.76 24.70
CA VAL G 43 17.44 11.79 26.16
C VAL G 43 18.72 11.32 26.81
N ASN G 44 19.22 10.15 26.38
CA ASN G 44 20.45 9.62 26.96
C ASN G 44 21.57 10.66 26.92
N HIS G 45 21.72 11.35 25.78
CA HIS G 45 22.72 12.41 25.68
C HIS G 45 22.46 13.50 26.72
N LEU G 46 21.22 13.94 26.84
CA LEU G 46 20.91 15.01 27.80
C LEU G 46 21.26 14.57 29.22
N VAL G 47 20.94 13.32 29.57
CA VAL G 47 21.30 12.80 30.88
C VAL G 47 22.81 12.74 31.03
N ARG G 48 23.47 12.22 30.01
CA ARG G 48 24.90 11.90 30.11
C ARG G 48 25.74 13.17 30.06
N ALA G 49 25.46 14.06 29.11
CA ALA G 49 26.17 15.33 29.04
C ALA G 49 25.60 16.35 30.02
N LYS G 50 24.52 16.01 30.74
CA LYS G 50 23.96 16.87 31.77
C LYS G 50 23.48 18.20 31.16
N CYS G 51 22.73 18.08 30.07
CA CYS G 51 22.16 19.22 29.37
C CYS G 51 20.64 19.17 29.48
N LYS G 52 19.99 20.25 29.05
CA LYS G 52 18.59 20.42 29.39
C LYS G 52 17.77 21.27 28.43
N GLU G 53 18.41 22.03 27.55
CA GLU G 53 17.71 22.93 26.66
C GLU G 53 17.88 22.43 25.23
N VAL G 54 16.75 22.28 24.53
CA VAL G 54 16.74 21.68 23.20
C VAL G 54 15.97 22.58 22.26
N THR G 55 16.10 22.28 20.96
CA THR G 55 15.44 23.01 19.90
C THR G 55 14.95 22.02 18.86
N LEU G 56 13.73 22.21 18.39
CA LEU G 56 13.24 21.35 17.30
C LEU G 56 13.65 21.92 15.95
N HIS G 57 13.59 21.08 14.93
CA HIS G 57 14.01 21.42 13.58
C HIS G 57 12.88 22.06 12.79
N LYS G 58 13.26 23.00 11.92
CA LYS G 58 12.27 23.79 11.21
C LYS G 58 11.30 22.90 10.43
N ASP G 59 11.81 21.84 9.81
CA ASP G 59 11.00 21.02 8.93
C ASP G 59 10.32 19.88 9.67
N GLY G 60 10.41 19.87 10.99
CA GLY G 60 9.61 19.01 11.82
C GLY G 60 8.18 19.54 11.82
N PRO G 61 7.24 18.81 12.41
CA PRO G 61 5.85 19.26 12.36
C PRO G 61 5.66 20.68 12.89
N LEU G 62 6.50 21.10 13.83
CA LEU G 62 6.29 22.33 14.55
C LEU G 62 7.29 23.43 14.20
N GLY G 63 8.13 23.21 13.21
CA GLY G 63 9.10 24.23 12.81
C GLY G 63 10.12 24.39 13.92
N GLU G 64 11.01 25.36 13.70
CA GLU G 64 12.11 25.60 14.62
C GLU G 64 11.57 26.23 15.90
N THR G 65 11.81 25.59 17.04
CA THR G 65 11.13 26.06 18.25
C THR G 65 11.96 25.59 19.44
N VAL G 66 12.45 26.54 20.23
CA VAL G 66 13.06 26.23 21.52
C VAL G 66 11.92 25.98 22.51
N LEU G 67 11.92 24.80 23.12
CA LEU G 67 10.88 24.47 24.09
C LEU G 67 11.08 25.27 25.37
N GLU G 68 10.02 25.90 25.85
CA GLU G 68 10.10 26.67 27.09
C GLU G 68 8.71 26.86 27.67
N CYS G 69 8.68 27.16 28.96
CA CYS G 69 7.43 27.41 29.66
C CYS G 69 6.79 28.71 29.18
N TYR G 70 5.49 28.65 28.90
CA TYR G 70 4.72 29.85 28.60
C TYR G 70 4.83 30.87 29.73
N ASN G 71 4.87 30.40 30.96
CA ASN G 71 4.72 31.27 32.11
C ASN G 71 6.03 31.94 32.51
N CYS G 72 7.10 31.16 32.67
CA CYS G 72 8.34 31.66 33.22
C CYS G 72 9.54 31.61 32.28
N GLY G 73 9.42 30.95 31.15
CA GLY G 73 10.55 30.87 30.24
C GLY G 73 11.59 29.84 30.58
N CYS G 74 11.35 29.00 31.59
CA CYS G 74 12.23 27.89 31.87
C CYS G 74 12.39 27.03 30.63
N ARG G 75 13.61 26.57 30.37
CA ARG G 75 13.92 25.78 29.19
C ARG G 75 14.35 24.35 29.54
N ASN G 76 14.08 23.92 30.76
CA ASN G 76 14.49 22.59 31.24
C ASN G 76 13.42 21.59 30.79
N VAL G 77 13.72 20.81 29.75
CA VAL G 77 12.70 19.90 29.23
C VAL G 77 12.30 18.82 30.23
N PHE G 78 13.13 18.55 31.23
CA PHE G 78 12.76 17.54 32.20
C PHE G 78 11.70 18.04 33.17
N LEU G 79 11.39 19.33 33.13
CA LEU G 79 10.35 19.92 33.96
C LEU G 79 9.12 20.32 33.15
N LEU G 80 9.21 20.35 31.83
CA LEU G 80 8.14 20.86 31.01
C LEU G 80 7.08 19.79 30.77
N GLY G 81 5.83 20.23 30.63
CA GLY G 81 4.73 19.37 30.27
C GLY G 81 3.57 20.18 29.76
N PHE G 82 2.41 19.51 29.66
CA PHE G 82 1.23 20.17 29.11
C PHE G 82 -0.03 19.58 29.73
N ILE G 83 -1.11 20.34 29.60
CA ILE G 83 -2.45 19.91 29.99
C ILE G 83 -3.37 20.24 28.82
N PRO G 84 -4.22 19.31 28.37
CA PRO G 84 -5.09 19.53 27.21
C PRO G 84 -6.07 20.69 27.38
N ASP G 88 -7.98 20.98 22.68
CA ASP G 88 -8.58 20.71 21.38
C ASP G 88 -7.55 20.80 20.28
N SER G 89 -6.82 21.92 20.20
CA SER G 89 -5.73 22.00 19.24
C SER G 89 -4.74 23.15 19.46
N VAL G 90 -4.68 23.69 20.66
CA VAL G 90 -3.61 24.60 21.04
C VAL G 90 -2.94 23.95 22.23
N VAL G 91 -1.62 24.13 22.35
CA VAL G 91 -0.88 23.51 23.44
C VAL G 91 -0.05 24.58 24.14
N VAL G 92 -0.06 24.55 25.47
CA VAL G 92 0.72 25.46 26.30
C VAL G 92 1.69 24.64 27.12
N LEU G 93 2.97 25.00 27.06
CA LEU G 93 3.98 24.30 27.84
C LEU G 93 4.12 24.94 29.20
N LEU G 94 4.26 24.10 30.23
CA LEU G 94 4.29 24.57 31.61
C LEU G 94 5.18 23.66 32.43
N CYS G 95 5.99 24.27 33.29
CA CYS G 95 6.66 23.52 34.35
C CYS G 95 5.61 22.79 35.16
N ARG G 96 5.94 21.59 35.64
CA ARG G 96 5.03 20.92 36.55
C ARG G 96 4.84 21.75 37.82
N GLN G 97 5.94 22.33 38.33
CA GLN G 97 5.92 23.23 39.47
C GLN G 97 6.73 24.49 39.17
N PRO G 98 6.25 25.68 39.60
CA PRO G 98 4.96 25.98 40.23
C PRO G 98 3.89 26.19 39.16
N CYS G 99 4.34 26.38 37.92
CA CYS G 99 3.49 26.98 36.91
C CYS G 99 2.28 26.13 36.59
N ALA G 100 2.37 24.82 36.82
CA ALA G 100 1.24 23.91 36.64
C ALA G 100 0.66 23.48 37.98
N SER G 101 1.08 24.09 39.08
CA SER G 101 0.50 23.72 40.36
C SER G 101 -0.99 24.06 40.41
N GLN G 102 -1.70 23.39 41.33
CA GLN G 102 -3.11 23.71 41.52
C GLN G 102 -3.28 25.20 41.80
N SER G 103 -2.45 25.75 42.68
CA SER G 103 -2.66 27.14 43.07
C SER G 103 -2.49 28.08 41.90
N SER G 104 -1.57 27.76 40.99
CA SER G 104 -1.38 28.55 39.78
C SER G 104 -2.37 28.10 38.72
N GLN G 114 -3.50 15.52 35.65
CA GLN G 114 -3.88 15.82 34.28
C GLN G 114 -2.73 16.46 33.50
N TRP G 115 -1.68 16.85 34.22
CA TRP G 115 -0.46 17.34 33.59
C TRP G 115 0.44 16.17 33.24
N GLN G 116 1.12 16.29 32.09
CA GLN G 116 1.99 15.20 31.68
C GLN G 116 3.27 15.70 31.03
N PRO G 117 4.41 15.10 31.38
CA PRO G 117 5.69 15.59 30.87
C PRO G 117 5.89 15.33 29.39
N LEU G 118 6.75 16.15 28.79
CA LEU G 118 7.13 15.96 27.39
C LEU G 118 8.02 14.74 27.21
N ILE G 119 8.71 14.30 28.25
CA ILE G 119 9.56 13.12 28.24
C ILE G 119 8.86 12.03 29.03
N GLN G 120 8.38 11.00 28.36
CA GLN G 120 7.79 9.82 28.98
C GLN G 120 8.50 8.60 28.44
N ASP G 121 8.77 7.63 29.32
CA ASP G 121 9.52 6.43 28.93
C ASP G 121 10.84 6.82 28.26
N ARG G 122 11.52 7.78 28.88
CA ARG G 122 12.79 8.30 28.40
C ARG G 122 12.83 8.48 26.88
N CYS G 123 11.75 9.04 26.32
CA CYS G 123 11.82 9.66 25.01
C CYS G 123 10.81 10.80 24.95
N PHE G 124 11.04 11.70 23.99
CA PHE G 124 10.08 12.76 23.69
C PHE G 124 8.80 12.20 23.09
N LEU G 125 7.67 12.81 23.45
CA LEU G 125 6.39 12.38 22.92
C LEU G 125 6.42 12.33 21.39
N SER G 126 5.71 11.35 20.84
CA SER G 126 5.84 11.06 19.41
C SER G 126 5.22 12.16 18.57
N TRP G 127 4.24 12.87 19.11
CA TRP G 127 3.70 14.03 18.42
C TRP G 127 4.61 15.23 18.49
N LEU G 128 5.56 15.25 19.44
CA LEU G 128 6.56 16.30 19.47
C LEU G 128 7.73 16.01 18.54
N VAL G 129 8.35 14.84 18.70
CA VAL G 129 9.48 14.41 17.88
C VAL G 129 9.23 12.95 17.57
N LYS G 130 9.09 12.61 16.30
CA LYS G 130 8.70 11.28 15.89
C LYS G 130 9.75 10.23 16.21
N ILE G 131 9.28 9.08 16.64
CA ILE G 131 10.13 7.88 16.74
C ILE G 131 10.47 7.39 15.33
N PRO G 132 11.76 7.18 15.00
CA PRO G 132 12.13 6.59 13.72
C PRO G 132 11.67 5.11 13.62
N SER G 133 11.23 4.66 12.44
CA SER G 133 10.70 3.30 12.22
C SER G 133 11.78 2.25 12.37
N GLU G 134 11.39 1.00 12.60
CA GLU G 134 12.36 -0.13 12.71
C GLU G 134 13.19 -0.13 11.44
N GLN G 135 12.55 -0.16 10.30
CA GLN G 135 13.28 -0.09 9.02
C GLN G 135 14.30 1.02 9.15
N GLU G 136 13.91 2.20 9.64
CA GLU G 136 14.82 3.34 9.64
C GLU G 136 15.96 3.21 10.63
N GLN G 137 15.78 2.46 11.72
CA GLN G 137 16.87 2.31 12.69
C GLN G 137 17.81 1.16 12.33
N LEU G 138 17.33 0.15 11.61
CA LEU G 138 18.23 -0.90 11.17
C LEU G 138 19.21 -0.41 10.12
N ARG G 139 18.80 0.56 9.29
CA ARG G 139 19.65 1.06 8.24
C ARG G 139 20.70 2.05 8.75
N ALA G 140 20.48 2.62 9.93
CA ALA G 140 21.41 3.58 10.50
C ALA G 140 22.63 2.89 11.09
N ARG G 141 23.67 3.70 11.35
CA ARG G 141 24.86 3.20 12.00
C ARG G 141 24.48 2.61 13.35
N GLN G 142 24.75 1.31 13.55
CA GLN G 142 24.41 0.66 14.81
C GLN G 142 25.50 0.89 15.84
N ILE G 143 25.08 1.28 17.03
CA ILE G 143 25.98 1.70 18.11
C ILE G 143 25.40 1.22 19.43
N THR G 144 26.27 0.77 20.32
CA THR G 144 25.90 0.14 21.57
C THR G 144 25.84 1.16 22.70
N ALA G 145 25.19 0.76 23.79
CA ALA G 145 25.09 1.63 24.95
C ALA G 145 26.48 1.96 25.49
N GLN G 146 27.36 0.96 25.55
CA GLN G 146 28.74 1.19 25.95
C GLN G 146 29.41 2.19 25.01
N GLN G 147 29.26 1.99 23.71
CA GLN G 147 29.90 2.87 22.73
C GLN G 147 29.47 4.30 22.92
N ILE G 148 28.18 4.53 23.22
CA ILE G 148 27.70 5.87 23.50
C ILE G 148 28.38 6.40 24.76
N ASN G 149 28.35 5.61 25.83
CA ASN G 149 28.92 6.06 27.10
C ASN G 149 30.36 6.52 26.91
N LYS G 150 31.20 5.66 26.34
CA LYS G 150 32.57 6.06 26.01
C LYS G 150 32.58 7.32 25.15
N LEU G 151 31.85 7.30 24.05
CA LEU G 151 31.94 8.41 23.10
C LEU G 151 31.55 9.73 23.75
N GLU G 152 30.52 9.71 24.59
CA GLU G 152 30.20 10.90 25.36
C GLU G 152 31.36 11.28 26.27
N GLU G 153 31.99 10.29 26.93
CA GLU G 153 33.15 10.59 27.77
C GLU G 153 34.24 11.30 26.98
N LEU G 154 34.48 10.86 25.73
CA LEU G 154 35.53 11.47 24.95
C LEU G 154 35.18 12.88 24.50
N TRP G 155 33.90 13.19 24.33
CA TRP G 155 33.51 14.45 23.70
C TRP G 155 33.95 15.66 24.53
N LYS G 156 34.32 15.46 25.79
CA LYS G 156 34.89 16.57 26.56
C LYS G 156 36.30 16.89 26.07
N GLU G 157 37.07 15.88 25.72
CA GLU G 157 38.44 16.08 25.26
C GLU G 157 38.44 16.66 23.84
N ASN G 158 37.85 15.93 22.90
CA ASN G 158 37.68 16.40 21.52
C ASN G 158 36.22 16.34 21.08
N PRO G 159 35.51 17.48 21.15
CA PRO G 159 34.15 17.50 20.56
C PRO G 159 34.12 17.18 19.08
N SER G 160 35.27 17.21 18.40
CA SER G 160 35.31 16.98 16.95
C SER G 160 35.58 15.51 16.63
N ARG H 3 6.97 30.74 21.84
CA ARG H 3 7.49 30.75 23.21
C ARG H 3 6.48 30.14 24.19
N GLY H 4 6.38 28.82 24.17
CA GLY H 4 5.57 28.10 25.12
C GLY H 4 4.27 27.56 24.56
N ILE H 5 3.92 27.88 23.31
CA ILE H 5 2.70 27.40 22.68
C ILE H 5 3.03 26.64 21.40
N LEU H 6 2.35 25.51 21.24
CA LEU H 6 2.56 24.61 20.12
C LEU H 6 1.19 24.43 19.50
N ILE H 7 1.04 24.77 18.22
CA ILE H 7 -0.22 24.54 17.52
C ILE H 7 0.00 23.32 16.64
N LEU H 8 -0.47 22.19 17.07
CA LEU H 8 -0.17 21.04 16.23
C LEU H 8 -1.23 20.89 15.15
N PRO H 9 -0.88 20.43 13.95
CA PRO H 9 -1.92 20.14 12.95
C PRO H 9 -2.67 18.88 13.40
N ALA H 10 -3.82 18.65 12.77
CA ALA H 10 -4.61 17.45 13.02
C ALA H 10 -3.79 16.27 13.53
N LEU I 4 -19.35 31.48 -29.41
CA LEU I 4 -17.92 31.40 -29.67
C LEU I 4 -17.64 30.18 -30.54
N PRO I 5 -16.58 30.21 -31.35
CA PRO I 5 -16.29 29.04 -32.18
C PRO I 5 -16.14 27.79 -31.32
N ILE I 6 -16.24 26.64 -31.97
CA ILE I 6 -16.21 25.36 -31.31
C ILE I 6 -14.83 25.05 -30.76
N HIS I 7 -13.80 25.77 -31.20
CA HIS I 7 -12.44 25.54 -30.76
C HIS I 7 -11.93 26.61 -29.79
N ALA I 8 -12.84 27.24 -29.04
CA ALA I 8 -12.45 28.28 -28.10
C ALA I 8 -12.04 27.64 -26.79
N CYS I 9 -11.05 28.25 -26.12
CA CYS I 9 -10.60 27.70 -24.85
C CYS I 9 -11.78 27.57 -23.91
N SER I 10 -12.06 26.35 -23.48
CA SER I 10 -13.18 26.09 -22.59
C SER I 10 -13.04 26.80 -21.25
N TYR I 11 -11.84 27.29 -20.92
CA TYR I 11 -11.66 28.04 -19.68
C TYR I 11 -11.93 29.52 -19.87
N CYS I 12 -11.33 30.14 -20.89
CA CYS I 12 -11.34 31.59 -21.03
C CYS I 12 -11.84 32.09 -22.39
N GLY I 13 -12.04 31.20 -23.36
CA GLY I 13 -12.70 31.57 -24.59
C GLY I 13 -11.77 31.91 -25.75
N ILE I 14 -10.46 32.04 -25.50
CA ILE I 14 -9.54 32.36 -26.58
C ILE I 14 -9.72 31.38 -27.72
N HIS I 15 -9.73 31.91 -28.96
CA HIS I 15 -10.02 31.07 -30.10
C HIS I 15 -9.13 31.33 -31.33
N ASP I 16 -8.01 32.01 -31.17
CA ASP I 16 -7.01 32.07 -32.23
C ASP I 16 -6.52 30.65 -32.51
N PRO I 17 -6.71 30.10 -33.72
CA PRO I 17 -6.41 28.68 -33.92
C PRO I 17 -4.97 28.29 -33.66
N ALA I 18 -4.03 29.23 -33.81
CA ALA I 18 -2.63 28.96 -33.50
C ALA I 18 -2.38 28.93 -31.99
N CYS I 19 -3.42 29.04 -31.18
CA CYS I 19 -3.29 29.18 -29.75
C CYS I 19 -3.99 28.08 -28.95
N VAL I 20 -4.80 27.24 -29.59
CA VAL I 20 -5.61 26.26 -28.88
C VAL I 20 -5.12 24.84 -29.15
N VAL I 21 -5.48 23.95 -28.24
CA VAL I 21 -5.07 22.55 -28.30
C VAL I 21 -6.27 21.68 -27.96
N TYR I 22 -6.49 20.63 -28.76
CA TYR I 22 -7.58 19.70 -28.53
C TYR I 22 -7.12 18.58 -27.61
N CYS I 23 -7.86 18.37 -26.51
CA CYS I 23 -7.64 17.22 -25.62
C CYS I 23 -8.42 16.06 -26.19
N ASN I 24 -7.71 15.03 -26.66
CA ASN I 24 -8.37 13.94 -27.38
C ASN I 24 -9.31 13.15 -26.48
N THR I 25 -9.06 13.12 -25.17
CA THR I 25 -9.86 12.31 -24.26
C THR I 25 -11.13 13.04 -23.81
N SER I 26 -10.99 14.22 -23.23
CA SER I 26 -12.17 14.95 -22.80
C SER I 26 -12.88 15.61 -23.99
N LYS I 27 -12.22 15.73 -25.14
CA LYS I 27 -12.87 16.20 -26.36
C LYS I 27 -13.27 17.69 -26.24
N LYS I 28 -12.40 18.48 -25.63
CA LYS I 28 -12.55 19.93 -25.53
C LYS I 28 -11.23 20.58 -25.92
N TRP I 29 -11.31 21.87 -26.18
CA TRP I 29 -10.16 22.66 -26.62
C TRP I 29 -9.69 23.57 -25.48
N PHE I 30 -8.40 23.90 -25.49
CA PHE I 30 -7.81 24.76 -24.48
C PHE I 30 -6.67 25.55 -25.10
N CYS I 31 -6.42 26.73 -24.53
CA CYS I 31 -5.40 27.61 -25.05
C CYS I 31 -4.07 27.37 -24.33
N ASN I 32 -3.00 27.95 -24.88
CA ASN I 32 -1.67 27.82 -24.30
C ASN I 32 -1.25 29.09 -23.57
N GLY I 33 -2.23 29.87 -23.11
CA GLY I 33 -1.97 31.02 -22.28
C GLY I 33 -2.21 30.71 -20.82
N ARG I 34 -1.58 31.49 -19.97
CA ARG I 34 -1.64 31.28 -18.53
C ARG I 34 -2.81 31.99 -17.88
N GLY I 35 -3.30 33.08 -18.48
CA GLY I 35 -4.34 33.84 -17.83
C GLY I 35 -3.88 34.30 -16.46
N ASN I 36 -4.69 34.01 -15.45
CA ASN I 36 -4.42 34.44 -14.08
C ASN I 36 -3.76 33.35 -13.24
N THR I 37 -3.41 32.22 -13.86
CA THR I 37 -2.77 31.10 -13.18
C THR I 37 -1.27 31.08 -13.39
N SER I 38 -0.63 30.04 -12.83
CA SER I 38 0.80 29.85 -12.92
C SER I 38 1.21 28.91 -14.05
N GLY I 39 0.25 28.29 -14.73
CA GLY I 39 0.55 27.47 -15.88
C GLY I 39 -0.46 27.73 -16.99
N SER I 40 -0.22 27.12 -18.14
CA SER I 40 -1.12 27.30 -19.27
C SER I 40 -2.43 26.55 -19.03
N HIS I 41 -3.49 27.03 -19.68
CA HIS I 41 -4.80 26.41 -19.51
C HIS I 41 -4.80 24.96 -19.97
N ILE I 42 -4.22 24.69 -21.14
CA ILE I 42 -4.24 23.32 -21.65
C ILE I 42 -3.46 22.39 -20.75
N VAL I 43 -2.24 22.80 -20.37
CA VAL I 43 -1.45 21.94 -19.49
C VAL I 43 -2.17 21.74 -18.16
N ASN I 44 -2.65 22.83 -17.56
CA ASN I 44 -3.42 22.69 -16.33
C ASN I 44 -4.56 21.70 -16.53
N HIS I 45 -5.27 21.80 -17.67
CA HIS I 45 -6.34 20.84 -17.93
C HIS I 45 -5.81 19.41 -17.98
N LEU I 46 -4.70 19.20 -18.71
CA LEU I 46 -4.18 17.84 -18.84
C LEU I 46 -3.81 17.26 -17.50
N VAL I 47 -3.17 18.05 -16.64
CA VAL I 47 -2.80 17.56 -15.31
C VAL I 47 -4.04 17.26 -14.49
N ARG I 48 -5.03 18.16 -14.49
CA ARG I 48 -6.18 17.98 -13.60
C ARG I 48 -7.04 16.79 -14.04
N ALA I 49 -7.40 16.74 -15.32
CA ALA I 49 -8.20 15.63 -15.82
C ALA I 49 -7.38 14.38 -16.12
N LYS I 50 -6.05 14.43 -15.97
CA LYS I 50 -5.21 13.24 -16.09
C LYS I 50 -5.24 12.68 -17.52
N CYS I 51 -5.04 13.57 -18.47
CA CYS I 51 -5.01 13.25 -19.90
C CYS I 51 -3.62 13.52 -20.45
N LYS I 52 -3.43 13.13 -21.72
CA LYS I 52 -2.08 13.08 -22.26
C LYS I 52 -1.99 13.24 -23.77
N GLU I 53 -3.07 13.04 -24.49
CA GLU I 53 -3.06 13.05 -25.95
C GLU I 53 -3.80 14.26 -26.47
N VAL I 54 -3.15 15.00 -27.38
CA VAL I 54 -3.67 16.26 -27.88
C VAL I 54 -3.60 16.25 -29.40
N THR I 55 -4.25 17.25 -30.00
CA THR I 55 -4.26 17.43 -31.44
C THR I 55 -4.14 18.92 -31.71
N LEU I 56 -3.30 19.30 -32.64
CA LEU I 56 -3.22 20.71 -32.98
C LEU I 56 -4.31 21.06 -34.00
N HIS I 57 -4.57 22.36 -34.13
CA HIS I 57 -5.64 22.84 -35.00
C HIS I 57 -5.16 23.04 -36.44
N LYS I 58 -6.04 22.71 -37.38
CA LYS I 58 -5.66 22.67 -38.79
C LYS I 58 -5.22 24.04 -39.30
N ASP I 59 -5.81 25.11 -38.81
CA ASP I 59 -5.44 26.41 -39.32
C ASP I 59 -4.25 26.99 -38.57
N GLY I 60 -3.65 26.19 -37.69
CA GLY I 60 -2.40 26.54 -37.06
C GLY I 60 -1.22 26.41 -38.00
N PRO I 61 -0.07 26.91 -37.55
CA PRO I 61 1.13 26.83 -38.40
C PRO I 61 1.49 25.42 -38.86
N LEU I 62 1.18 24.38 -38.10
CA LEU I 62 1.51 23.02 -38.49
C LEU I 62 0.28 22.24 -38.91
N GLY I 63 -0.89 22.88 -38.98
CA GLY I 63 -2.06 22.16 -39.43
C GLY I 63 -2.51 21.13 -38.42
N GLU I 64 -3.51 20.35 -38.84
CA GLU I 64 -4.10 19.34 -37.98
C GLU I 64 -3.12 18.20 -37.80
N THR I 65 -2.76 17.93 -36.55
CA THR I 65 -1.66 17.02 -36.24
C THR I 65 -1.86 16.46 -34.85
N VAL I 66 -2.01 15.13 -34.76
CA VAL I 66 -1.89 14.46 -33.47
C VAL I 66 -0.40 14.30 -33.18
N LEU I 67 0.05 14.85 -32.04
CA LEU I 67 1.45 14.74 -31.67
C LEU I 67 1.80 13.32 -31.27
N GLU I 68 2.88 12.78 -31.84
CA GLU I 68 3.30 11.43 -31.46
C GLU I 68 4.73 11.18 -31.86
N CYS I 69 5.32 10.17 -31.19
CA CYS I 69 6.70 9.79 -31.43
C CYS I 69 6.89 9.21 -32.82
N TYR I 70 7.93 9.68 -33.51
CA TYR I 70 8.32 9.10 -34.79
C TYR I 70 8.62 7.61 -34.68
N ASN I 71 9.25 7.19 -33.58
CA ASN I 71 9.82 5.84 -33.51
C ASN I 71 8.80 4.81 -33.06
N CYS I 72 8.10 5.04 -31.95
CA CYS I 72 7.21 4.04 -31.37
C CYS I 72 5.74 4.42 -31.42
N GLY I 73 5.41 5.66 -31.76
CA GLY I 73 4.02 6.09 -31.85
C GLY I 73 3.35 6.49 -30.57
N CYS I 74 4.08 6.55 -29.45
CA CYS I 74 3.52 7.06 -28.20
C CYS I 74 2.94 8.45 -28.40
N ARG I 75 1.81 8.71 -27.74
CA ARG I 75 1.08 9.97 -27.85
C ARG I 75 1.06 10.79 -26.56
N ASN I 76 1.93 10.46 -25.60
CA ASN I 76 1.97 11.12 -24.29
C ASN I 76 2.80 12.39 -24.37
N VAL I 77 2.14 13.56 -24.30
CA VAL I 77 2.88 14.81 -24.46
C VAL I 77 3.91 15.01 -23.37
N PHE I 78 3.73 14.37 -22.22
CA PHE I 78 4.68 14.50 -21.13
C PHE I 78 5.96 13.71 -21.36
N LEU I 79 6.00 12.88 -22.40
CA LEU I 79 7.19 12.12 -22.76
C LEU I 79 7.81 12.55 -24.09
N LEU I 80 7.12 13.34 -24.90
CA LEU I 80 7.63 13.67 -26.23
C LEU I 80 8.63 14.82 -26.21
N GLY I 81 9.54 14.81 -27.17
CA GLY I 81 10.48 15.90 -27.36
C GLY I 81 11.07 15.91 -28.75
N PHE I 82 12.13 16.73 -28.92
CA PHE I 82 12.73 16.96 -30.23
C PHE I 82 14.21 17.28 -30.08
N ILE I 83 14.95 17.05 -31.16
CA ILE I 83 16.35 17.45 -31.28
C ILE I 83 16.55 18.04 -32.67
N PRO I 84 17.21 19.20 -32.81
CA PRO I 84 17.39 19.88 -34.10
C PRO I 84 18.17 19.07 -35.15
N ASP I 88 17.66 21.14 -40.05
CA ASP I 88 17.45 22.58 -40.02
C ASP I 88 15.98 22.98 -39.89
N SER I 89 15.14 22.47 -40.79
CA SER I 89 13.73 22.81 -40.81
C SER I 89 12.78 21.63 -40.72
N VAL I 90 13.20 20.49 -40.19
CA VAL I 90 12.27 19.40 -39.96
C VAL I 90 12.31 19.07 -38.48
N VAL I 91 11.20 18.57 -37.95
CA VAL I 91 11.15 18.20 -36.54
C VAL I 91 10.73 16.75 -36.46
N VAL I 92 11.47 15.98 -35.67
CA VAL I 92 11.18 14.58 -35.41
C VAL I 92 10.85 14.50 -33.93
N LEU I 93 9.67 14.01 -33.61
CA LEU I 93 9.27 13.89 -32.21
C LEU I 93 9.71 12.54 -31.68
N LEU I 94 10.19 12.52 -30.45
CA LEU I 94 10.79 11.32 -29.89
C LEU I 94 10.48 11.27 -28.40
N CYS I 95 10.07 10.09 -27.93
CA CYS I 95 10.06 9.86 -26.50
C CYS I 95 11.45 10.12 -25.92
N ARG I 96 11.49 10.66 -24.72
CA ARG I 96 12.76 10.79 -24.03
C ARG I 96 13.43 9.44 -23.84
N GLN I 97 12.68 8.46 -23.35
CA GLN I 97 13.17 7.11 -23.14
C GLN I 97 12.11 6.16 -23.71
N PRO I 98 12.52 5.12 -24.44
CA PRO I 98 13.88 4.79 -24.87
C PRO I 98 14.30 5.55 -26.13
N CYS I 99 13.32 6.13 -26.83
CA CYS I 99 13.51 6.48 -28.23
C CYS I 99 14.55 7.59 -28.43
N ALA I 100 14.79 8.43 -27.43
CA ALA I 100 15.80 9.48 -27.54
C ALA I 100 17.06 9.18 -26.76
N SER I 101 17.21 7.95 -26.27
CA SER I 101 18.39 7.58 -25.49
C SER I 101 19.67 7.64 -26.32
N GLN I 102 20.80 7.71 -25.60
CA GLN I 102 22.10 7.59 -26.24
C GLN I 102 22.17 6.38 -27.17
N SER I 103 21.75 5.22 -26.67
CA SER I 103 21.89 4.00 -27.46
C SER I 103 20.96 4.03 -28.67
N SER I 104 19.81 4.67 -28.55
CA SER I 104 18.86 4.77 -29.66
C SER I 104 19.27 5.92 -30.57
N GLN I 114 20.55 17.59 -24.85
CA GLN I 114 20.29 18.11 -26.18
C GLN I 114 18.87 17.76 -26.63
N TRP I 115 18.22 16.84 -25.91
CA TRP I 115 16.81 16.54 -26.11
C TRP I 115 16.05 17.53 -25.25
N GLN I 116 14.89 17.99 -25.73
CA GLN I 116 14.17 19.03 -25.03
C GLN I 116 12.68 18.68 -25.03
N PRO I 117 12.01 18.77 -23.90
CA PRO I 117 10.59 18.40 -23.87
C PRO I 117 9.74 19.43 -24.58
N LEU I 118 8.58 18.96 -25.06
CA LEU I 118 7.64 19.88 -25.70
C LEU I 118 6.96 20.76 -24.66
N ILE I 119 6.88 20.31 -23.40
CA ILE I 119 6.26 21.06 -22.32
C ILE I 119 7.38 21.55 -21.40
N GLN I 120 7.61 22.86 -21.43
CA GLN I 120 8.55 23.54 -20.56
C GLN I 120 7.83 24.69 -19.87
N ASP I 121 8.11 24.88 -18.59
CA ASP I 121 7.45 25.92 -17.81
C ASP I 121 5.94 25.83 -17.93
N ARG I 122 5.45 24.61 -17.75
CA ARG I 122 4.03 24.30 -17.81
C ARG I 122 3.31 24.94 -18.99
N CYS I 123 3.95 25.01 -20.15
CA CYS I 123 3.22 25.28 -21.37
C CYS I 123 3.95 24.67 -22.55
N PHE I 124 3.22 24.51 -23.64
CA PHE I 124 3.80 24.07 -24.90
C PHE I 124 4.74 25.14 -25.46
N LEU I 125 5.82 24.68 -26.10
CA LEU I 125 6.71 25.61 -26.78
C LEU I 125 5.91 26.48 -27.74
N SER I 126 6.35 27.75 -27.85
CA SER I 126 5.57 28.74 -28.58
C SER I 126 5.56 28.49 -30.08
N TRP I 127 6.60 27.84 -30.63
CA TRP I 127 6.59 27.52 -32.05
C TRP I 127 5.64 26.36 -32.38
N LEU I 128 5.27 25.55 -31.38
CA LEU I 128 4.26 24.51 -31.60
C LEU I 128 2.85 25.06 -31.47
N VAL I 129 2.58 25.74 -30.35
CA VAL I 129 1.30 26.35 -30.04
C VAL I 129 1.60 27.71 -29.44
N LYS I 130 1.16 28.76 -30.11
CA LYS I 130 1.56 30.11 -29.70
C LYS I 130 0.92 30.50 -28.37
N ILE I 131 1.71 31.18 -27.55
CA ILE I 131 1.28 31.83 -26.31
C ILE I 131 0.46 33.07 -26.65
N PRO I 132 -0.81 33.11 -26.25
CA PRO I 132 -1.60 34.33 -26.48
C PRO I 132 -0.97 35.55 -25.83
N SER I 133 -1.16 36.68 -26.49
CA SER I 133 -0.60 37.94 -26.04
C SER I 133 -1.29 38.45 -24.78
N GLU I 134 -0.56 39.31 -24.06
CA GLU I 134 -1.16 40.03 -22.94
C GLU I 134 -2.42 40.75 -23.40
N GLN I 135 -2.36 41.35 -24.60
CA GLN I 135 -3.54 41.97 -25.19
C GLN I 135 -4.68 40.97 -25.34
N GLU I 136 -4.38 39.80 -25.91
CA GLU I 136 -5.43 38.83 -26.19
C GLU I 136 -5.92 38.12 -24.94
N GLN I 137 -5.09 38.06 -23.89
CA GLN I 137 -5.55 37.42 -22.66
C GLN I 137 -6.40 38.37 -21.81
N LEU I 138 -6.17 39.68 -21.93
CA LEU I 138 -7.01 40.64 -21.22
C LEU I 138 -8.42 40.68 -21.79
N ARG I 139 -8.60 40.51 -23.09
CA ARG I 139 -9.95 40.62 -23.70
C ARG I 139 -10.69 39.29 -23.47
N ALA I 140 -10.14 38.38 -22.66
CA ALA I 140 -10.72 37.02 -22.42
C ALA I 140 -11.69 37.02 -21.25
N ARG I 141 -12.38 35.90 -21.02
CA ARG I 141 -13.24 35.75 -19.82
C ARG I 141 -12.26 35.48 -18.70
N GLN I 142 -12.10 36.41 -17.78
CA GLN I 142 -11.18 36.25 -16.68
C GLN I 142 -11.63 35.13 -15.75
N ILE I 143 -10.71 34.23 -15.40
CA ILE I 143 -11.00 33.05 -14.62
C ILE I 143 -9.82 32.76 -13.70
N THR I 144 -10.10 32.37 -12.46
CA THR I 144 -9.08 32.14 -11.47
C THR I 144 -8.71 30.66 -11.34
N ALA I 145 -7.56 30.40 -10.71
CA ALA I 145 -7.10 29.03 -10.49
C ALA I 145 -8.08 28.26 -9.62
N GLN I 146 -8.60 28.89 -8.55
CA GLN I 146 -9.65 28.26 -7.78
C GLN I 146 -10.80 27.84 -8.69
N GLN I 147 -11.25 28.77 -9.52
CA GLN I 147 -12.39 28.54 -10.40
C GLN I 147 -12.14 27.43 -11.41
N ILE I 148 -10.92 27.35 -11.95
CA ILE I 148 -10.59 26.24 -12.85
C ILE I 148 -10.69 24.92 -12.09
N ASN I 149 -9.99 24.84 -10.96
CA ASN I 149 -10.10 23.69 -10.08
C ASN I 149 -11.56 23.35 -9.78
N LYS I 150 -12.34 24.35 -9.32
CA LYS I 150 -13.79 24.14 -9.18
C LYS I 150 -14.42 23.55 -10.43
N LEU I 151 -14.23 24.20 -11.59
CA LEU I 151 -14.99 23.83 -12.78
C LEU I 151 -14.60 22.46 -13.30
N GLU I 152 -13.30 22.14 -13.26
CA GLU I 152 -12.89 20.80 -13.68
C GLU I 152 -13.56 19.74 -12.83
N GLU I 153 -13.70 20.01 -11.53
CA GLU I 153 -14.39 19.06 -10.65
C GLU I 153 -15.81 18.77 -11.12
N LEU I 154 -16.57 19.79 -11.54
CA LEU I 154 -17.92 19.52 -11.98
C LEU I 154 -17.96 18.78 -13.31
N TRP I 155 -16.94 18.96 -14.15
CA TRP I 155 -16.99 18.47 -15.52
C TRP I 155 -17.10 16.95 -15.59
N LYS I 156 -16.91 16.25 -14.46
CA LYS I 156 -16.99 14.79 -14.49
C LYS I 156 -18.42 14.30 -14.68
N GLU I 157 -19.36 14.86 -13.91
CA GLU I 157 -20.75 14.44 -14.02
C GLU I 157 -21.43 15.07 -15.22
N ASN I 158 -21.36 16.39 -15.33
CA ASN I 158 -21.93 17.12 -16.46
C ASN I 158 -20.76 17.78 -17.18
N PRO I 159 -20.19 17.09 -18.18
CA PRO I 159 -19.16 17.74 -19.02
C PRO I 159 -19.69 18.94 -19.78
N SER I 160 -21.00 19.07 -19.92
CA SER I 160 -21.59 20.16 -20.71
C SER I 160 -21.99 21.31 -19.80
N ARG J 3 2.93 11.78 -38.77
CA ARG J 3 3.15 10.83 -37.69
C ARG J 3 4.53 11.03 -37.08
N GLY J 4 4.68 12.10 -36.30
CA GLY J 4 5.92 12.35 -35.62
C GLY J 4 6.77 13.39 -36.30
N ILE J 5 6.32 13.92 -37.45
CA ILE J 5 7.10 14.86 -38.25
C ILE J 5 6.33 16.16 -38.36
N LEU J 6 7.04 17.26 -38.14
CA LEU J 6 6.50 18.61 -38.16
C LEU J 6 7.41 19.40 -39.08
N ILE J 7 6.83 20.06 -40.07
CA ILE J 7 7.57 20.91 -40.99
C ILE J 7 7.37 22.34 -40.52
N LEU J 8 8.44 23.00 -40.14
CA LEU J 8 8.32 24.33 -39.50
C LEU J 8 7.82 25.34 -40.53
N PRO J 9 6.98 26.32 -40.14
CA PRO J 9 6.37 27.28 -41.07
C PRO J 9 7.29 28.16 -41.93
N ALA J 10 8.39 28.71 -41.38
CA ALA J 10 9.35 29.60 -42.08
C ALA J 10 9.86 30.64 -41.07
N LYS K 2 -7.12 -11.43 27.82
CA LYS K 2 -7.09 -11.90 26.44
C LYS K 2 -6.56 -13.33 26.39
N ASP K 3 -6.89 -14.05 25.31
CA ASP K 3 -6.39 -15.41 25.10
C ASP K 3 -5.19 -15.32 24.17
N LEU K 4 -4.03 -15.03 24.75
CA LEU K 4 -2.82 -14.94 23.94
C LEU K 4 -2.23 -16.31 23.67
N PRO K 5 -1.57 -16.47 22.52
CA PRO K 5 -1.05 -17.79 22.15
C PRO K 5 -0.08 -18.35 23.17
N ILE K 6 0.17 -19.66 23.04
CA ILE K 6 1.03 -20.38 23.95
C ILE K 6 2.49 -20.02 23.78
N HIS K 7 2.87 -19.36 22.67
CA HIS K 7 4.26 -19.03 22.42
C HIS K 7 4.55 -17.56 22.70
N ALA K 8 3.81 -16.95 23.64
CA ALA K 8 3.99 -15.54 23.97
C ALA K 8 5.03 -15.36 25.06
N CYS K 9 5.78 -14.26 24.98
CA CYS K 9 6.78 -13.95 25.99
C CYS K 9 6.15 -13.93 27.37
N SER K 10 6.64 -14.78 28.26
CA SER K 10 6.09 -14.82 29.61
C SER K 10 6.28 -13.50 30.35
N TYR K 11 7.16 -12.63 29.86
CA TYR K 11 7.33 -11.33 30.51
C TYR K 11 6.36 -10.31 29.94
N CYS K 12 6.29 -10.18 28.61
CA CYS K 12 5.58 -9.06 27.99
C CYS K 12 4.53 -9.46 26.97
N GLY K 13 4.46 -10.73 26.58
CA GLY K 13 3.36 -11.21 25.77
C GLY K 13 3.59 -11.23 24.27
N ILE K 14 4.66 -10.61 23.78
CA ILE K 14 4.95 -10.63 22.36
C ILE K 14 4.92 -12.08 21.89
N HIS K 15 4.28 -12.31 20.73
CA HIS K 15 4.07 -13.67 20.25
C HIS K 15 4.34 -13.82 18.76
N ASP K 16 5.05 -12.88 18.16
CA ASP K 16 5.52 -13.04 16.79
C ASP K 16 6.44 -14.25 16.70
N PRO K 17 6.09 -15.29 15.94
CA PRO K 17 6.90 -16.51 15.98
C PRO K 17 8.35 -16.31 15.58
N ALA K 18 8.66 -15.29 14.80
CA ALA K 18 10.05 -14.99 14.48
C ALA K 18 10.79 -14.29 15.63
N CYS K 19 10.12 -14.05 16.76
CA CYS K 19 10.70 -13.28 17.85
C CYS K 19 10.79 -13.99 19.18
N VAL K 20 10.17 -15.16 19.35
CA VAL K 20 10.12 -15.82 20.65
C VAL K 20 11.05 -17.03 20.60
N VAL K 21 11.48 -17.45 21.78
CA VAL K 21 12.43 -18.54 21.93
C VAL K 21 11.93 -19.45 23.04
N TYR K 22 11.96 -20.76 22.81
CA TYR K 22 11.54 -21.72 23.82
C TYR K 22 12.73 -22.07 24.69
N CYS K 23 12.58 -21.90 26.00
CA CYS K 23 13.57 -22.34 26.98
C CYS K 23 13.24 -23.80 27.32
N ASN K 24 14.12 -24.71 26.94
CA ASN K 24 13.81 -26.14 27.05
C ASN K 24 13.69 -26.58 28.50
N THR K 25 14.32 -25.89 29.43
CA THR K 25 14.34 -26.30 30.83
C THR K 25 13.12 -25.81 31.62
N SER K 26 12.86 -24.50 31.59
CA SER K 26 11.73 -23.89 32.33
C SER K 26 10.43 -24.22 31.62
N LYS K 27 10.48 -24.47 30.32
CA LYS K 27 9.30 -24.85 29.51
C LYS K 27 8.38 -23.62 29.34
N LYS K 28 8.97 -22.45 29.11
CA LYS K 28 8.22 -21.19 28.90
C LYS K 28 8.88 -20.42 27.76
N TRP K 29 8.12 -19.62 27.03
CA TRP K 29 8.64 -18.87 25.87
C TRP K 29 9.06 -17.47 26.31
N PHE K 30 10.02 -16.84 25.64
CA PHE K 30 10.46 -15.48 25.91
C PHE K 30 10.89 -14.86 24.58
N CYS K 31 10.72 -13.55 24.46
CA CYS K 31 11.04 -12.84 23.24
C CYS K 31 12.45 -12.23 23.33
N ASN K 32 12.94 -11.76 22.19
CA ASN K 32 14.28 -11.22 22.05
C ASN K 32 14.29 -9.69 21.97
N GLY K 33 13.31 -9.04 22.60
CA GLY K 33 13.31 -7.60 22.71
C GLY K 33 13.88 -7.15 24.03
N ARG K 34 14.42 -5.93 24.06
CA ARG K 34 15.06 -5.42 25.27
C ARG K 34 14.09 -4.76 26.24
N GLY K 35 13.00 -4.18 25.76
CA GLY K 35 12.08 -3.50 26.65
C GLY K 35 12.76 -2.41 27.46
N ASN K 36 12.53 -2.44 28.77
CA ASN K 36 13.03 -1.42 29.68
C ASN K 36 14.28 -1.86 30.41
N THR K 37 14.80 -3.04 30.11
CA THR K 37 16.03 -3.53 30.71
C THR K 37 17.16 -3.28 29.73
N SER K 38 18.36 -3.73 30.10
CA SER K 38 19.53 -3.58 29.24
C SER K 38 19.83 -4.83 28.41
N GLY K 39 19.05 -5.91 28.58
CA GLY K 39 19.19 -7.08 27.74
C GLY K 39 17.81 -7.60 27.30
N SER K 40 17.85 -8.59 26.41
CA SER K 40 16.61 -9.17 25.92
C SER K 40 15.98 -10.06 26.99
N HIS K 41 14.67 -10.28 26.85
CA HIS K 41 13.93 -11.03 27.85
C HIS K 41 14.44 -12.46 27.98
N ILE K 42 14.64 -13.15 26.86
CA ILE K 42 15.06 -14.55 26.95
C ILE K 42 16.43 -14.66 27.60
N VAL K 43 17.37 -13.81 27.18
CA VAL K 43 18.73 -13.89 27.74
C VAL K 43 18.69 -13.65 29.24
N ASN K 44 18.04 -12.56 29.66
CA ASN K 44 17.90 -12.26 31.08
C ASN K 44 17.32 -13.46 31.82
N HIS K 45 16.30 -14.09 31.26
CA HIS K 45 15.74 -15.30 31.86
C HIS K 45 16.80 -16.39 31.95
N LEU K 46 17.51 -16.65 30.85
CA LEU K 46 18.53 -17.69 30.84
C LEU K 46 19.60 -17.41 31.87
N VAL K 47 20.03 -16.15 31.97
CA VAL K 47 21.00 -15.76 32.99
C VAL K 47 20.44 -15.98 34.39
N ARG K 48 19.19 -15.57 34.61
CA ARG K 48 18.64 -15.58 35.96
C ARG K 48 18.31 -17.00 36.41
N ALA K 49 17.61 -17.76 35.56
CA ALA K 49 17.24 -19.13 35.92
C ALA K 49 18.37 -20.13 35.67
N LYS K 50 19.49 -19.69 35.10
CA LYS K 50 20.67 -20.53 34.94
C LYS K 50 20.38 -21.71 34.00
N CYS K 51 19.78 -21.39 32.86
CA CYS K 51 19.44 -22.34 31.80
C CYS K 51 20.26 -21.99 30.57
N LYS K 52 20.20 -22.86 29.55
CA LYS K 52 21.20 -22.76 28.48
C LYS K 52 20.75 -23.30 27.12
N GLU K 53 19.68 -24.08 27.08
CA GLU K 53 19.23 -24.74 25.86
C GLU K 53 17.90 -24.13 25.40
N VAL K 54 17.79 -23.80 24.12
CA VAL K 54 16.64 -23.09 23.58
C VAL K 54 16.12 -23.85 22.36
N THR K 55 14.91 -23.47 21.92
CA THR K 55 14.32 -24.02 20.72
C THR K 55 13.56 -22.89 20.02
N LEU K 56 13.73 -22.78 18.70
CA LEU K 56 13.04 -21.79 17.90
C LEU K 56 11.66 -22.31 17.46
N HIS K 57 10.81 -21.37 17.03
CA HIS K 57 9.43 -21.67 16.66
C HIS K 57 9.39 -22.07 15.19
N LYS K 58 8.51 -23.02 14.83
CA LYS K 58 8.53 -23.49 13.45
C LYS K 58 8.22 -22.38 12.48
N ASP K 59 7.40 -21.41 12.89
CA ASP K 59 6.96 -20.37 11.96
C ASP K 59 7.94 -19.20 11.90
N GLY K 60 9.07 -19.31 12.56
CA GLY K 60 10.15 -18.37 12.36
C GLY K 60 10.88 -18.67 11.08
N PRO K 61 11.75 -17.74 10.67
CA PRO K 61 12.52 -17.96 9.44
C PRO K 61 13.30 -19.25 9.42
N LEU K 62 13.72 -19.76 10.57
CA LEU K 62 14.56 -20.95 10.67
C LEU K 62 13.83 -22.21 11.13
N GLY K 63 12.51 -22.15 11.30
CA GLY K 63 11.76 -23.32 11.68
C GLY K 63 12.10 -23.79 13.09
N GLU K 64 11.46 -24.88 13.47
CA GLU K 64 11.68 -25.45 14.79
C GLU K 64 13.09 -26.04 14.79
N THR K 65 13.95 -25.53 15.65
CA THR K 65 15.37 -25.84 15.56
C THR K 65 16.01 -25.71 16.93
N VAL K 66 16.55 -26.81 17.44
CA VAL K 66 17.39 -26.78 18.62
C VAL K 66 18.80 -26.36 18.20
N LEU K 67 19.30 -25.29 18.82
CA LEU K 67 20.65 -24.81 18.53
C LEU K 67 21.64 -25.74 19.20
N GLU K 68 22.64 -26.18 18.45
CA GLU K 68 23.68 -27.05 19.00
C GLU K 68 24.89 -27.02 18.08
N CYS K 69 26.03 -27.39 18.66
CA CYS K 69 27.28 -27.41 17.90
C CYS K 69 27.19 -28.45 16.79
N TYR K 70 27.60 -28.06 15.59
CA TYR K 70 27.69 -29.03 14.49
C TYR K 70 28.57 -30.20 14.91
N ASN K 71 29.65 -29.93 15.63
CA ASN K 71 30.66 -30.96 15.82
C ASN K 71 30.31 -31.92 16.94
N CYS K 72 29.97 -31.39 18.12
CA CYS K 72 29.81 -32.23 19.31
C CYS K 72 28.40 -32.28 19.87
N GLY K 73 27.48 -31.45 19.38
CA GLY K 73 26.12 -31.47 19.88
C GLY K 73 25.86 -30.72 21.16
N CYS K 74 26.84 -29.98 21.68
CA CYS K 74 26.60 -29.11 22.82
C CYS K 74 25.45 -28.16 22.52
N ARG K 75 24.60 -27.94 23.52
CA ARG K 75 23.43 -27.08 23.37
C ARG K 75 23.51 -25.83 24.25
N ASN K 76 24.70 -25.49 24.76
CA ASN K 76 24.86 -24.35 25.64
C ASN K 76 24.97 -23.09 24.80
N VAL K 77 23.91 -22.29 24.77
CA VAL K 77 23.89 -21.12 23.88
C VAL K 77 24.97 -20.12 24.26
N PHE K 78 25.44 -20.13 25.51
CA PHE K 78 26.49 -19.21 25.94
C PHE K 78 27.86 -19.66 25.48
N LEU K 79 27.98 -20.88 24.94
CA LEU K 79 29.22 -21.38 24.39
C LEU K 79 29.18 -21.47 22.88
N LEU K 80 28.01 -21.38 22.27
CA LEU K 80 27.89 -21.58 20.84
C LEU K 80 28.19 -20.30 20.06
N GLY K 81 28.62 -20.49 18.82
CA GLY K 81 28.83 -19.41 17.90
C GLY K 81 28.72 -19.93 16.50
N PHE K 82 29.19 -19.13 15.54
CA PHE K 82 28.99 -19.47 14.14
C PHE K 82 30.16 -18.96 13.31
N ILE K 83 30.31 -19.56 12.13
CA ILE K 83 31.26 -19.08 11.14
C ILE K 83 30.59 -19.06 9.77
N PRO K 84 30.68 -17.95 9.03
CA PRO K 84 30.06 -17.87 7.70
C PRO K 84 30.67 -18.87 6.72
N ALA K 85 29.97 -19.03 5.60
CA ALA K 85 30.43 -19.87 4.51
C ALA K 85 29.59 -19.64 3.25
N VAL K 90 25.33 -19.49 4.32
CA VAL K 90 25.32 -20.63 5.22
C VAL K 90 26.04 -20.25 6.50
N VAL K 91 25.57 -20.83 7.60
CA VAL K 91 26.18 -20.63 8.90
C VAL K 91 26.36 -22.01 9.51
N VAL K 92 27.52 -22.24 10.10
CA VAL K 92 27.80 -23.48 10.82
C VAL K 92 28.00 -23.12 12.27
N LEU K 93 27.27 -23.78 13.17
CA LEU K 93 27.36 -23.47 14.59
C LEU K 93 28.42 -24.33 15.24
N LEU K 94 29.21 -23.73 16.13
CA LEU K 94 30.34 -24.39 16.75
C LEU K 94 30.55 -23.83 18.14
N CYS K 95 30.85 -24.71 19.10
CA CYS K 95 31.38 -24.24 20.37
C CYS K 95 32.60 -23.37 20.10
N ARG K 96 32.78 -22.34 20.91
CA ARG K 96 34.00 -21.54 20.73
C ARG K 96 35.24 -22.40 20.94
N GLN K 97 35.25 -23.22 21.99
CA GLN K 97 36.31 -24.17 22.30
C GLN K 97 35.65 -25.51 22.60
N PRO K 98 36.20 -26.63 22.10
CA PRO K 98 37.32 -26.77 21.18
C PRO K 98 36.95 -26.68 19.70
N CYS K 99 35.65 -26.83 19.43
CA CYS K 99 35.19 -27.23 18.10
C CYS K 99 35.49 -26.19 17.03
N ALA K 100 35.60 -24.92 17.40
CA ALA K 100 35.94 -23.88 16.44
C ALA K 100 37.40 -23.46 16.54
N SER K 101 38.21 -24.22 17.30
CA SER K 101 39.61 -23.89 17.50
C SER K 101 40.34 -23.98 16.17
N GLN K 102 41.51 -23.32 16.13
CA GLN K 102 42.35 -23.35 14.94
C GLN K 102 42.59 -24.77 14.45
N SER K 103 42.93 -25.68 15.38
CA SER K 103 43.30 -27.05 14.99
C SER K 103 42.10 -27.83 14.46
N SER K 104 40.89 -27.53 14.93
CA SER K 104 39.70 -28.25 14.48
C SER K 104 39.21 -27.70 13.16
N GLN K 114 37.28 -15.47 12.86
CA GLN K 114 36.18 -15.51 11.89
C GLN K 114 34.89 -16.01 12.54
N TRP K 115 35.02 -16.54 13.75
CA TRP K 115 33.91 -17.01 14.58
C TRP K 115 33.37 -15.88 15.46
N GLN K 116 32.05 -15.90 15.67
CA GLN K 116 31.29 -14.91 16.42
C GLN K 116 30.19 -15.55 17.26
N PRO K 117 30.02 -15.12 18.50
CA PRO K 117 29.02 -15.76 19.36
C PRO K 117 27.59 -15.44 18.94
N LEU K 118 26.68 -16.33 19.33
CA LEU K 118 25.26 -16.15 19.01
C LEU K 118 24.62 -15.08 19.87
N ILE K 119 25.17 -14.83 21.06
CA ILE K 119 24.65 -13.81 21.98
C ILE K 119 25.66 -12.66 22.00
N GLN K 120 25.26 -11.52 21.45
CA GLN K 120 26.05 -10.29 21.52
C GLN K 120 25.21 -9.18 22.15
N ASP K 121 25.84 -8.37 23.00
CA ASP K 121 25.12 -7.33 23.74
C ASP K 121 23.90 -7.93 24.44
N ARG K 122 24.14 -9.07 25.08
CA ARG K 122 23.13 -9.89 25.74
C ARG K 122 21.81 -9.90 24.99
N CYS K 123 21.89 -10.15 23.69
CA CYS K 123 20.71 -10.57 22.95
C CYS K 123 21.17 -11.53 21.88
N PHE K 124 20.22 -12.34 21.40
CA PHE K 124 20.49 -13.18 20.25
C PHE K 124 20.65 -12.30 19.02
N LEU K 125 21.59 -12.65 18.14
CA LEU K 125 21.72 -11.93 16.89
C LEU K 125 20.36 -11.93 16.18
N SER K 126 20.05 -10.83 15.50
CA SER K 126 18.69 -10.67 14.98
C SER K 126 18.40 -11.63 13.83
N TRP K 127 19.42 -12.08 13.09
CA TRP K 127 19.15 -13.06 12.03
C TRP K 127 18.83 -14.43 12.61
N LEU K 128 19.18 -14.65 13.88
CA LEU K 128 18.77 -15.88 14.55
C LEU K 128 17.37 -15.74 15.12
N VAL K 129 17.12 -14.67 15.86
CA VAL K 129 15.82 -14.41 16.48
C VAL K 129 15.56 -12.90 16.33
N LYS K 130 14.45 -12.54 15.70
CA LYS K 130 14.17 -11.14 15.42
C LYS K 130 14.07 -10.33 16.71
N ILE K 131 14.68 -9.16 16.71
CA ILE K 131 14.54 -8.20 17.78
C ILE K 131 13.22 -7.50 17.52
N PRO K 132 12.24 -7.56 18.44
CA PRO K 132 11.01 -6.79 18.20
C PRO K 132 11.33 -5.31 18.01
N SER K 133 10.57 -4.67 17.13
CA SER K 133 10.77 -3.24 16.91
C SER K 133 10.40 -2.47 18.17
N GLU K 134 10.95 -1.27 18.32
CA GLU K 134 10.53 -0.44 19.43
C GLU K 134 9.00 -0.33 19.47
N GLN K 135 8.39 -0.19 18.30
CA GLN K 135 6.94 0.00 18.23
C GLN K 135 6.16 -1.15 18.83
N GLU K 136 6.50 -2.38 18.46
CA GLU K 136 5.67 -3.49 18.87
C GLU K 136 5.84 -3.79 20.34
N GLN K 137 6.98 -3.41 20.90
CA GLN K 137 7.23 -3.59 22.32
C GLN K 137 6.46 -2.56 23.13
N LEU K 138 6.10 -1.42 22.52
CA LEU K 138 5.29 -0.45 23.22
C LEU K 138 3.88 -0.98 23.50
N ARG K 139 3.34 -1.78 22.58
CA ARG K 139 2.01 -2.35 22.70
C ARG K 139 1.97 -3.52 23.66
N ALA K 140 3.11 -4.19 23.85
CA ALA K 140 3.18 -5.35 24.71
C ALA K 140 3.05 -4.93 26.18
N ARG K 141 2.79 -5.91 27.03
CA ARG K 141 2.72 -5.64 28.46
C ARG K 141 4.04 -5.02 28.89
N GLN K 142 3.96 -3.88 29.57
CA GLN K 142 5.14 -3.17 30.04
C GLN K 142 5.60 -3.79 31.36
N ILE K 143 6.88 -4.13 31.44
CA ILE K 143 7.43 -4.80 32.62
C ILE K 143 8.81 -4.24 32.87
N THR K 144 9.12 -3.94 34.12
CA THR K 144 10.40 -3.36 34.49
C THR K 144 11.35 -4.44 35.00
N ALA K 145 12.63 -4.07 35.10
CA ALA K 145 13.62 -5.02 35.59
C ALA K 145 13.26 -5.53 36.98
N GLN K 146 12.77 -4.63 37.84
CA GLN K 146 12.31 -5.07 39.15
C GLN K 146 11.25 -6.15 39.01
N GLN K 147 10.26 -5.93 38.13
CA GLN K 147 9.18 -6.90 37.92
C GLN K 147 9.65 -8.25 37.39
N ILE K 148 10.70 -8.32 36.58
CA ILE K 148 11.17 -9.63 36.14
C ILE K 148 11.73 -10.42 37.31
N ASN K 149 12.72 -9.85 38.02
CA ASN K 149 13.16 -10.47 39.28
C ASN K 149 11.97 -10.75 40.18
N LYS K 150 11.06 -9.78 40.30
CA LYS K 150 9.78 -9.97 40.97
C LYS K 150 9.19 -11.33 40.62
N LEU K 151 9.02 -11.57 39.33
CA LEU K 151 8.32 -12.74 38.81
C LEU K 151 9.17 -14.01 38.79
N GLU K 152 10.45 -13.90 38.43
CA GLU K 152 11.32 -15.08 38.44
C GLU K 152 11.45 -15.67 39.84
N GLU K 153 11.56 -14.82 40.86
CA GLU K 153 11.71 -15.30 42.23
C GLU K 153 10.56 -16.23 42.59
N LEU K 154 9.35 -15.86 42.17
CA LEU K 154 8.15 -16.63 42.49
C LEU K 154 8.08 -17.94 41.71
N TRP K 155 8.67 -17.96 40.52
CA TRP K 155 8.44 -19.06 39.58
C TRP K 155 8.96 -20.40 40.07
N LYS K 156 9.83 -20.44 41.07
CA LYS K 156 10.25 -21.75 41.55
C LYS K 156 9.18 -22.39 42.43
N GLU K 157 8.52 -21.62 43.31
CA GLU K 157 7.48 -22.21 44.13
C GLU K 157 6.21 -22.47 43.31
N ASN K 158 5.76 -21.48 42.54
CA ASN K 158 4.64 -21.66 41.62
C ASN K 158 5.11 -21.43 40.19
N PRO K 159 5.48 -22.46 39.45
CA PRO K 159 5.81 -22.28 38.02
C PRO K 159 4.68 -21.70 37.19
N SER K 160 3.43 -21.75 37.66
CA SER K 160 2.30 -21.28 36.86
C SER K 160 1.95 -19.83 37.19
N ARG L 3 20.70 -29.64 12.54
CA ARG L 3 21.50 -29.86 13.73
C ARG L 3 22.89 -29.26 13.58
N GLY L 4 22.99 -27.94 13.68
CA GLY L 4 24.25 -27.23 13.69
C GLY L 4 24.58 -26.46 12.44
N ILE L 5 23.79 -26.60 11.37
CA ILE L 5 23.96 -25.84 10.14
C ILE L 5 22.66 -25.08 9.88
N LEU L 6 22.78 -23.82 9.49
CA LEU L 6 21.62 -22.97 9.29
C LEU L 6 21.65 -22.29 7.93
N ILE L 7 20.54 -22.42 7.17
CA ILE L 7 20.34 -21.68 5.93
C ILE L 7 19.42 -20.50 6.22
N LEU L 8 19.96 -19.29 6.02
CA LEU L 8 19.39 -18.04 6.46
C LEU L 8 18.34 -17.55 5.46
N PRO L 9 17.50 -16.60 5.85
CA PRO L 9 16.49 -16.10 4.91
C PRO L 9 17.14 -15.38 3.75
N ALA L 10 16.34 -15.19 2.71
CA ALA L 10 16.78 -14.52 1.50
C ALA L 10 17.94 -13.56 1.69
ZN ZN M . -23.28 15.32 8.94
ZN ZN N . -12.21 -8.72 -2.76
ZN ZN O . -20.79 -5.43 -4.56
ZN ZN P . -17.79 -29.73 -12.41
ZN ZN Q . -28.58 -6.11 0.63
ZN ZN R . 16.74 -14.17 -20.45
ZN ZN S . 1.01 9.32 -14.02
ZN ZN T . 20.21 8.35 16.79
ZN ZN U . 7.42 27.62 34.21
ZN ZN V . -7.63 29.79 -22.12
ZN ZN W . 8.77 6.79 -28.70
ZN ZN X . 9.18 -10.13 25.95
ZN ZN Y . 31.05 -28.26 20.05
#